data_7EEK
#
_entry.id   7EEK
#
_cell.length_a   38.187
_cell.length_b   92.207
_cell.length_c   95.435
_cell.angle_alpha   105.210
_cell.angle_beta   89.680
_cell.angle_gamma   100.100
#
_symmetry.space_group_name_H-M   'P 1'
#
loop_
_entity.id
_entity.type
_entity.pdbx_description
1 polymer 'Serum albumin'
2 non-polymer 'PALMITOLEIC ACID'
3 non-polymer 11-methyl-2-oxa-4-thia-6,7-diaza-3$l^{3}-auratricyclo[7.4.0.0^{3,7}]trideca-1(13),5,9,11-tetraen-5-amine
#
_entity_poly.entity_id   1
_entity_poly.type   'polypeptide(L)'
_entity_poly.pdbx_seq_one_letter_code
;AHKSEVAHRFKDLGEENFKALVLIAFAQYLQQCPFEDHVKLVNEVTEFAKTCVADESAENCDKSLHTLFGDKLCTVATLR
ETYGEMADCCAKQEPERNECFLQHKDDNPNLPRLVRPEVDVMCTAFHDNEETFLKKYLYEIARRHPYFYAPELLFFAKRY
KAAFTECCQAADKAACLLPKLDELRDEGKASSAKQRLKCASLQKFGERAFKAWAVARLSQRFPKAEFAEVSKLVTDLTKV
HTECCHGDLLECADDRADLAKYICENQDSISSKLKECCEKPLLEKSHCIAEVENDEMPADLPSLAADFVESKDVCKNYAE
AKDVFLGMFLYEYARRHPDYSVVLLLRLAKTYETTLEKCCAAADPHECYAKVFDEFKPLVEEPQNLIKQNCELFEQLGEY
KFQNALLVRYTKKVPQVSTPTLVEVSRNLGKVGSKCCKHPEAKRMPCAEDYLSVVLNQLCVLHEKTPVSDRVTKCCTESL
VNRRPCFSALEVDETYVPKEFNAETFTFHADICTLSEKERQIKKQTALVELVKHKPKATKEQLKAVMDDFAAFVEKCCKA
DDKETCFAEEGKKLVAASQAALG
;
_entity_poly.pdbx_strand_id   A,B
#
loop_
_chem_comp.id
_chem_comp.type
_chem_comp.name
_chem_comp.formula
J2O non-polymer 11-methyl-2-oxa-4-thia-6,7-diaza-3$l^{3}-auratricyclo[7.4.0.0^{3,7}]trideca-1(13),5,9,11-tetraen-5-amine 'C9 H10 Au N3 O S'
PAM non-polymer 'PALMITOLEIC ACID' 'C16 H30 O2'
#
# COMPACT_ATOMS: atom_id res chain seq x y z
N ALA A 1 5.64 37.62 21.20
CA ALA A 1 6.29 36.43 21.85
C ALA A 1 5.62 35.96 23.16
N HIS A 2 5.23 36.90 24.01
CA HIS A 2 4.61 36.64 25.34
C HIS A 2 3.09 36.90 25.41
N LYS A 3 2.58 37.84 24.59
CA LYS A 3 1.17 38.30 24.66
C LYS A 3 0.15 37.16 24.43
N SER A 4 0.04 36.72 23.17
CA SER A 4 -0.65 35.48 22.81
C SER A 4 0.44 34.42 22.52
N GLU A 5 0.47 33.34 23.28
CA GLU A 5 1.51 32.32 23.10
C GLU A 5 1.16 31.41 21.90
N VAL A 6 -0.11 31.02 21.78
CA VAL A 6 -0.57 30.26 20.61
C VAL A 6 -0.17 30.93 19.27
N ALA A 7 -0.30 32.24 19.17
CA ALA A 7 0.03 33.00 17.96
C ALA A 7 1.54 33.06 17.73
N HIS A 8 2.33 33.25 18.79
CA HIS A 8 3.79 33.21 18.68
C HIS A 8 4.30 31.86 18.19
N ARG A 9 3.75 30.77 18.73
CA ARG A 9 4.12 29.41 18.28
C ARG A 9 3.74 29.13 16.82
N PHE A 10 2.54 29.53 16.41
CA PHE A 10 2.08 29.39 15.00
C PHE A 10 3.02 30.15 14.04
N LYS A 11 3.45 31.34 14.43
CA LYS A 11 4.44 32.09 13.63
C LYS A 11 5.83 31.45 13.69
N ASP A 12 6.23 30.95 14.85
CA ASP A 12 7.53 30.30 15.07
C ASP A 12 7.69 29.02 14.29
N LEU A 13 6.63 28.23 14.22
CA LEU A 13 6.64 26.88 13.66
C LEU A 13 6.02 26.76 12.28
N GLY A 14 5.12 27.67 11.90
CA GLY A 14 4.39 27.56 10.64
C GLY A 14 3.23 26.60 10.78
N GLU A 15 2.22 26.76 9.92
CA GLU A 15 0.99 26.00 10.04
C GLU A 15 1.18 24.48 10.00
N GLU A 16 2.00 23.96 9.09
CA GLU A 16 2.14 22.49 8.94
C GLU A 16 2.71 21.83 10.19
N ASN A 17 3.83 22.35 10.68
CA ASN A 17 4.44 21.79 11.87
C ASN A 17 3.54 21.89 13.10
N PHE A 18 2.88 23.04 13.27
CA PHE A 18 1.95 23.29 14.37
C PHE A 18 0.85 22.24 14.38
N LYS A 19 0.20 22.05 13.23
CA LYS A 19 -0.79 20.98 13.08
C LYS A 19 -0.21 19.62 13.45
N ALA A 20 0.97 19.30 12.94
CA ALA A 20 1.54 18.00 13.23
C ALA A 20 1.70 17.84 14.74
N LEU A 21 2.33 18.85 15.36
CA LEU A 21 2.69 18.80 16.78
C LEU A 21 1.44 18.82 17.69
N VAL A 22 0.41 19.53 17.28
CA VAL A 22 -0.88 19.54 17.98
C VAL A 22 -1.53 18.17 17.88
N LEU A 23 -1.46 17.57 16.69
CA LEU A 23 -1.98 16.24 16.52
C LEU A 23 -1.23 15.33 17.47
N ILE A 24 0.10 15.34 17.40
CA ILE A 24 0.91 14.49 18.27
C ILE A 24 0.51 14.71 19.73
N ALA A 25 0.48 15.97 20.19
CA ALA A 25 0.20 16.29 21.61
C ALA A 25 -1.15 15.80 22.14
N PHE A 26 -2.23 16.03 21.40
CA PHE A 26 -3.52 15.43 21.74
C PHE A 26 -3.50 13.91 21.69
N ALA A 27 -2.78 13.34 20.73
CA ALA A 27 -2.70 11.89 20.63
C ALA A 27 -1.94 11.29 21.79
N GLN A 28 -1.02 12.06 22.41
CA GLN A 28 -0.26 11.59 23.56
C GLN A 28 -1.03 11.62 24.92
N TYR A 29 -2.09 12.42 25.02
CA TYR A 29 -2.93 12.44 26.23
C TYR A 29 -4.19 11.61 26.03
N LEU A 30 -4.81 11.73 24.85
CA LEU A 30 -6.06 11.03 24.56
C LEU A 30 -5.79 9.84 23.69
N GLN A 31 -5.26 8.79 24.30
CA GLN A 31 -4.72 7.64 23.54
C GLN A 31 -5.79 6.77 22.89
N GLN A 32 -6.96 6.64 23.55
CA GLN A 32 -8.10 5.82 23.08
C GLN A 32 -9.13 6.60 22.25
N CYS A 33 -8.80 7.81 21.79
CA CYS A 33 -9.69 8.57 20.91
C CYS A 33 -9.40 8.23 19.42
N PRO A 34 -10.45 8.10 18.60
CA PRO A 34 -10.22 7.77 17.19
C PRO A 34 -9.62 8.93 16.40
N PHE A 35 -8.77 8.61 15.43
CA PHE A 35 -8.12 9.58 14.53
C PHE A 35 -9.03 10.72 14.06
N GLU A 36 -10.23 10.39 13.60
CA GLU A 36 -11.20 11.42 13.13
C GLU A 36 -11.55 12.48 14.21
N ASP A 37 -11.66 12.04 15.47
CA ASP A 37 -11.81 12.98 16.62
C ASP A 37 -10.59 13.84 16.86
N HIS A 38 -9.40 13.25 16.75
CA HIS A 38 -8.15 14.03 16.76
C HIS A 38 -8.04 15.03 15.60
N VAL A 39 -8.37 14.63 14.38
CA VAL A 39 -8.28 15.54 13.23
C VAL A 39 -9.13 16.77 13.47
N LYS A 40 -10.29 16.56 14.10
CA LYS A 40 -11.25 17.62 14.38
C LYS A 40 -10.78 18.60 15.46
N LEU A 41 -10.17 18.12 16.53
CA LEU A 41 -9.56 19.02 17.55
C LEU A 41 -8.51 19.89 16.89
N VAL A 42 -7.61 19.25 16.13
CA VAL A 42 -6.49 19.95 15.48
C VAL A 42 -7.00 21.06 14.57
N ASN A 43 -8.01 20.78 13.75
CA ASN A 43 -8.65 21.83 12.93
C ASN A 43 -9.28 22.97 13.77
N GLU A 44 -9.88 22.64 14.91
CA GLU A 44 -10.48 23.69 15.77
C GLU A 44 -9.39 24.58 16.37
N VAL A 45 -8.41 23.97 17.03
CA VAL A 45 -7.28 24.68 17.61
C VAL A 45 -6.47 25.48 16.55
N THR A 46 -6.32 24.92 15.35
CA THR A 46 -5.62 25.62 14.25
C THR A 46 -6.37 26.86 13.78
N GLU A 47 -7.70 26.77 13.67
CA GLU A 47 -8.50 27.93 13.27
C GLU A 47 -8.51 29.00 14.35
N PHE A 48 -8.51 28.55 15.60
CA PHE A 48 -8.46 29.46 16.72
C PHE A 48 -7.12 30.18 16.80
N ALA A 49 -6.04 29.42 16.59
CA ALA A 49 -4.70 29.99 16.37
C ALA A 49 -4.68 31.09 15.29
N LYS A 50 -5.27 30.85 14.13
CA LYS A 50 -5.27 31.88 13.08
C LYS A 50 -5.91 33.24 13.46
N THR A 51 -6.96 33.20 14.30
CA THR A 51 -7.67 34.42 14.73
C THR A 51 -6.74 35.32 15.56
N CYS A 52 -5.96 34.67 16.42
CA CYS A 52 -4.90 35.30 17.23
C CYS A 52 -3.76 35.84 16.40
N VAL A 53 -3.40 35.15 15.30
CA VAL A 53 -2.35 35.62 14.40
C VAL A 53 -2.83 36.89 13.71
N ALA A 54 -4.11 36.97 13.41
CA ALA A 54 -4.68 38.22 12.92
C ALA A 54 -4.73 39.29 14.00
N ASP A 55 -5.08 38.89 15.23
CA ASP A 55 -5.29 39.84 16.31
C ASP A 55 -4.87 39.25 17.68
N GLU A 56 -3.67 39.63 18.13
CA GLU A 56 -3.14 39.20 19.43
C GLU A 56 -4.16 39.46 20.55
N SER A 57 -4.99 40.48 20.38
CA SER A 57 -5.98 40.89 21.37
C SER A 57 -7.36 40.22 21.23
N ALA A 58 -7.58 39.39 20.21
CA ALA A 58 -8.87 38.71 20.06
C ALA A 58 -9.09 37.83 21.27
N GLU A 59 -10.36 37.56 21.58
CA GLU A 59 -10.74 36.89 22.84
C GLU A 59 -10.08 35.54 23.06
N ASN A 60 -9.61 35.32 24.28
CA ASN A 60 -8.89 34.10 24.73
C ASN A 60 -7.47 33.89 24.18
N CYS A 61 -7.08 34.61 23.12
CA CYS A 61 -5.71 34.56 22.56
C CYS A 61 -4.58 34.83 23.57
N ASP A 62 -4.87 35.69 24.55
CA ASP A 62 -3.95 35.96 25.66
C ASP A 62 -3.75 34.79 26.66
N LYS A 63 -4.59 33.76 26.59
CA LYS A 63 -4.41 32.63 27.49
C LYS A 63 -3.13 31.87 27.18
N SER A 64 -2.68 31.13 28.19
CA SER A 64 -1.45 30.38 28.11
C SER A 64 -1.73 29.16 27.29
N LEU A 65 -0.69 28.55 26.75
CA LEU A 65 -0.85 27.28 26.03
C LEU A 65 -1.37 26.18 26.96
N HIS A 66 -0.80 26.05 28.15
CA HIS A 66 -1.29 25.03 29.12
C HIS A 66 -2.78 25.21 29.41
N THR A 67 -3.22 26.45 29.51
CA THR A 67 -4.64 26.75 29.75
C THR A 67 -5.52 26.28 28.60
N LEU A 68 -5.09 26.60 27.39
CA LEU A 68 -5.85 26.28 26.19
C LEU A 68 -5.86 24.78 25.92
N PHE A 69 -4.71 24.15 26.01
CA PHE A 69 -4.64 22.71 25.84
C PHE A 69 -5.54 21.98 26.86
N GLY A 70 -5.34 22.28 28.14
CA GLY A 70 -6.20 21.75 29.18
C GLY A 70 -7.67 21.96 28.93
N ASP A 71 -8.05 23.21 28.61
CA ASP A 71 -9.44 23.56 28.28
C ASP A 71 -9.97 22.63 27.21
N LYS A 72 -9.18 22.46 26.16
CA LYS A 72 -9.62 21.72 25.00
C LYS A 72 -9.92 20.29 25.41
N LEU A 73 -9.03 19.66 26.18
CA LEU A 73 -9.24 18.28 26.64
C LEU A 73 -10.54 18.17 27.43
N CYS A 74 -10.77 19.11 28.33
CA CYS A 74 -11.97 19.06 29.17
C CYS A 74 -13.25 19.07 28.35
N THR A 75 -13.22 19.56 27.11
CA THR A 75 -14.39 19.52 26.21
C THR A 75 -14.66 18.15 25.59
N VAL A 76 -13.65 17.28 25.50
CA VAL A 76 -13.85 15.94 24.93
C VAL A 76 -15.03 15.28 25.67
N ALA A 77 -16.03 14.86 24.90
CA ALA A 77 -17.32 14.54 25.48
C ALA A 77 -17.22 13.32 26.37
N THR A 78 -16.60 12.28 25.83
CA THR A 78 -16.45 10.98 26.50
C THR A 78 -15.25 10.94 27.44
N LEU A 79 -14.94 12.07 28.09
CA LEU A 79 -13.71 12.19 28.86
C LEU A 79 -13.81 11.34 30.13
N ARG A 80 -14.96 11.38 30.82
CA ARG A 80 -15.20 10.52 31.99
C ARG A 80 -15.36 9.06 31.61
N GLU A 81 -16.14 8.76 30.57
CA GLU A 81 -16.45 7.36 30.23
C GLU A 81 -15.21 6.56 29.78
N THR A 82 -14.49 7.08 28.78
CA THR A 82 -13.26 6.48 28.27
C THR A 82 -12.14 6.45 29.32
N TYR A 83 -11.81 7.61 29.90
CA TYR A 83 -10.55 7.84 30.66
C TYR A 83 -10.69 7.80 32.20
N GLY A 84 -11.92 7.67 32.69
CA GLY A 84 -12.18 7.46 34.11
C GLY A 84 -11.77 8.65 34.95
N GLU A 85 -10.74 8.44 35.78
CA GLU A 85 -10.25 9.48 36.70
C GLU A 85 -9.53 10.64 36.01
N MET A 86 -9.13 10.47 34.75
CA MET A 86 -8.52 11.57 34.01
C MET A 86 -9.46 12.78 33.89
N ALA A 87 -10.76 12.50 33.73
CA ALA A 87 -11.79 13.53 33.79
C ALA A 87 -11.71 14.39 35.05
N ASP A 88 -11.42 13.78 36.21
CA ASP A 88 -11.33 14.53 37.48
C ASP A 88 -10.27 15.64 37.49
N CYS A 89 -9.29 15.58 36.58
CA CYS A 89 -8.35 16.67 36.42
C CYS A 89 -9.02 17.99 36.03
N CYS A 90 -10.17 17.92 35.35
CA CYS A 90 -10.83 19.13 34.88
C CYS A 90 -11.45 20.00 35.97
N ALA A 91 -11.67 19.43 37.15
CA ALA A 91 -12.04 20.17 38.35
C ALA A 91 -10.96 21.13 38.88
N LYS A 92 -9.69 20.94 38.50
CA LYS A 92 -8.58 21.72 39.08
C LYS A 92 -8.25 22.99 38.26
N GLN A 93 -7.41 23.87 38.82
CA GLN A 93 -6.96 25.10 38.12
C GLN A 93 -5.55 24.92 37.57
N GLU A 94 -5.14 25.80 36.65
CA GLU A 94 -4.16 25.46 35.63
C GLU A 94 -2.67 25.37 35.98
N PRO A 95 -2.31 25.59 37.26
CA PRO A 95 -1.06 24.92 37.62
C PRO A 95 -1.31 23.40 37.75
N GLU A 96 -2.30 23.03 38.57
CA GLU A 96 -2.47 21.64 39.00
C GLU A 96 -3.15 20.82 37.89
N ARG A 97 -4.11 21.43 37.18
CA ARG A 97 -4.79 20.74 36.08
C ARG A 97 -3.76 20.08 35.18
N ASN A 98 -2.86 20.88 34.63
CA ASN A 98 -1.79 20.43 33.71
C ASN A 98 -0.98 19.25 34.27
N GLU A 99 -0.54 19.40 35.52
CA GLU A 99 0.24 18.35 36.18
C GLU A 99 -0.53 17.02 36.32
N CYS A 100 -1.78 17.10 36.78
CA CYS A 100 -2.72 15.95 36.84
C CYS A 100 -2.90 15.25 35.50
N PHE A 101 -3.03 16.02 34.42
CA PHE A 101 -3.16 15.47 33.08
C PHE A 101 -1.89 14.71 32.66
N LEU A 102 -0.74 15.19 33.11
CA LEU A 102 0.56 14.60 32.80
C LEU A 102 0.78 13.28 33.56
N GLN A 103 0.16 13.18 34.74
CA GLN A 103 0.24 11.97 35.57
C GLN A 103 -0.50 10.79 34.94
N HIS A 104 -1.59 11.08 34.22
CA HIS A 104 -2.53 10.08 33.70
C HIS A 104 -2.21 9.60 32.29
N LYS A 105 -1.12 10.08 31.70
CA LYS A 105 -0.62 9.44 30.48
C LYS A 105 -0.25 8.01 30.86
N ASP A 106 -0.37 7.09 29.90
CA ASP A 106 -0.25 5.65 30.11
C ASP A 106 0.84 5.01 29.22
N ASP A 107 2.00 4.76 29.82
CA ASP A 107 3.19 4.15 29.16
C ASP A 107 2.87 2.84 28.44
N ASN A 108 2.04 2.01 29.07
CA ASN A 108 1.61 0.70 28.54
C ASN A 108 0.11 0.79 28.21
N PRO A 109 -0.26 1.42 27.08
CA PRO A 109 -1.69 1.70 26.86
C PRO A 109 -2.59 0.50 26.45
N ASN A 110 -2.02 -0.67 26.13
CA ASN A 110 -2.80 -1.85 25.69
C ASN A 110 -3.67 -1.56 24.48
N LEU A 111 -2.96 -1.45 23.35
CA LEU A 111 -3.51 -1.35 22.03
C LEU A 111 -2.94 -2.55 21.27
N PRO A 112 -3.58 -2.97 20.16
CA PRO A 112 -2.97 -4.07 19.38
C PRO A 112 -1.68 -3.61 18.71
N ARG A 113 -0.79 -4.52 18.30
CA ARG A 113 0.41 -4.07 17.58
C ARG A 113 0.07 -3.52 16.18
N LEU A 114 0.83 -2.53 15.73
CA LEU A 114 0.65 -1.96 14.38
C LEU A 114 1.33 -2.90 13.39
N VAL A 115 0.53 -3.49 12.52
CA VAL A 115 1.03 -4.41 11.50
C VAL A 115 1.41 -3.58 10.28
N ARG A 116 2.71 -3.53 9.97
CA ARG A 116 3.17 -2.93 8.71
C ARG A 116 2.40 -3.61 7.59
N PRO A 117 1.59 -2.87 6.79
CA PRO A 117 0.88 -3.55 5.69
C PRO A 117 1.81 -3.97 4.57
N GLU A 118 1.26 -4.43 3.47
CA GLU A 118 2.09 -4.79 2.32
C GLU A 118 2.54 -3.53 1.60
N VAL A 119 3.67 -3.61 0.93
CA VAL A 119 4.21 -2.45 0.18
C VAL A 119 3.22 -1.81 -0.75
N ASP A 120 2.48 -2.62 -1.50
CA ASP A 120 1.56 -2.11 -2.50
C ASP A 120 0.34 -1.46 -1.85
N VAL A 121 -0.07 -1.96 -0.68
CA VAL A 121 -1.20 -1.39 0.06
C VAL A 121 -0.77 -0.03 0.58
N MET A 122 0.38 -0.02 1.24
CA MET A 122 1.02 1.20 1.75
C MET A 122 1.23 2.26 0.65
N CYS A 123 1.94 1.88 -0.41
CA CYS A 123 2.24 2.82 -1.49
C CYS A 123 0.99 3.33 -2.18
N THR A 124 -0.04 2.49 -2.23
CA THR A 124 -1.34 2.92 -2.74
C THR A 124 -2.01 3.96 -1.83
N ALA A 125 -2.14 3.67 -0.53
CA ALA A 125 -2.76 4.63 0.39
C ALA A 125 -1.95 5.96 0.45
N PHE A 126 -0.63 5.86 0.35
CA PHE A 126 0.24 7.04 0.25
C PHE A 126 -0.02 7.90 -0.98
N HIS A 127 -0.15 7.26 -2.13
CA HIS A 127 -0.54 7.96 -3.33
C HIS A 127 -1.98 8.49 -3.21
N ASP A 128 -2.89 7.69 -2.63
CA ASP A 128 -4.32 8.03 -2.50
C ASP A 128 -4.58 9.28 -1.66
N ASN A 129 -3.87 9.43 -0.55
CA ASN A 129 -3.98 10.65 0.30
C ASN A 129 -2.80 10.72 1.28
N GLU A 130 -1.76 11.44 0.88
CA GLU A 130 -0.53 11.51 1.66
C GLU A 130 -0.78 11.91 3.12
N GLU A 131 -1.62 12.93 3.32
CA GLU A 131 -1.84 13.51 4.64
C GLU A 131 -2.60 12.59 5.56
N THR A 132 -3.69 12.01 5.07
CA THR A 132 -4.43 11.02 5.86
C THR A 132 -3.53 9.83 6.20
N PHE A 133 -2.93 9.23 5.19
CA PHE A 133 -1.99 8.12 5.42
C PHE A 133 -0.93 8.44 6.50
N LEU A 134 -0.26 9.57 6.34
CA LEU A 134 0.86 9.92 7.19
C LEU A 134 0.42 10.34 8.60
N LYS A 135 -0.62 11.16 8.68
CA LYS A 135 -1.09 11.65 9.98
C LYS A 135 -1.82 10.56 10.80
N LYS A 136 -2.45 9.62 10.13
CA LYS A 136 -2.98 8.42 10.78
C LYS A 136 -1.81 7.57 11.31
N TYR A 137 -0.81 7.31 10.46
CA TYR A 137 0.50 6.74 10.86
C TYR A 137 0.98 7.40 12.14
N LEU A 138 1.01 8.73 12.08
CA LEU A 138 1.61 9.54 13.13
C LEU A 138 0.84 9.41 14.46
N TYR A 139 -0.48 9.41 14.36
CA TYR A 139 -1.41 9.25 15.48
C TYR A 139 -1.28 7.90 16.14
N GLU A 140 -1.30 6.86 15.30
CA GLU A 140 -1.13 5.50 15.78
C GLU A 140 0.17 5.31 16.55
N ILE A 141 1.27 5.86 16.04
CA ILE A 141 2.55 5.80 16.75
C ILE A 141 2.59 6.67 18.01
N ALA A 142 2.11 7.90 17.93
CA ALA A 142 2.17 8.81 19.09
C ALA A 142 1.40 8.27 20.28
N ARG A 143 0.20 7.72 20.05
CA ARG A 143 -0.66 7.28 21.15
C ARG A 143 -0.17 6.01 21.87
N ARG A 144 0.80 5.30 21.27
CA ARG A 144 1.46 4.18 21.92
C ARG A 144 2.74 4.57 22.67
N HIS A 145 3.17 5.82 22.51
CA HIS A 145 4.38 6.34 23.13
C HIS A 145 4.17 7.79 23.52
N PRO A 146 3.23 8.01 24.46
CA PRO A 146 2.84 9.34 24.91
C PRO A 146 3.95 10.16 25.57
N TYR A 147 5.07 9.54 25.93
CA TYR A 147 6.23 10.28 26.45
C TYR A 147 7.30 10.58 25.39
N PHE A 148 7.18 9.99 24.20
CA PHE A 148 8.13 10.24 23.11
C PHE A 148 8.08 11.71 22.79
N TYR A 149 9.21 12.37 22.92
CA TYR A 149 9.30 13.81 22.63
C TYR A 149 8.75 14.16 21.24
N ALA A 150 7.70 14.97 21.23
CA ALA A 150 6.90 15.25 20.03
C ALA A 150 7.65 15.74 18.77
N PRO A 151 8.52 16.76 18.86
CA PRO A 151 9.25 17.18 17.63
C PRO A 151 10.15 16.11 17.05
N GLU A 152 10.70 15.24 17.89
CA GLU A 152 11.54 14.14 17.41
C GLU A 152 10.70 13.07 16.70
N LEU A 153 9.45 12.93 17.12
CA LEU A 153 8.46 12.15 16.37
C LEU A 153 8.10 12.76 15.01
N LEU A 154 7.99 14.08 14.97
CA LEU A 154 7.74 14.80 13.72
C LEU A 154 8.93 14.71 12.74
N PHE A 155 10.17 14.67 13.24
CA PHE A 155 11.34 14.54 12.35
C PHE A 155 11.49 13.13 11.78
N PHE A 156 11.06 12.12 12.54
CA PHE A 156 10.98 10.76 11.99
C PHE A 156 9.92 10.62 10.91
N ALA A 157 8.72 11.17 11.18
CA ALA A 157 7.60 11.26 10.22
C ALA A 157 7.95 11.92 8.89
N LYS A 158 8.83 12.92 8.92
CA LYS A 158 9.34 13.57 7.69
C LYS A 158 10.21 12.66 6.87
N ARG A 159 10.95 11.78 7.54
CA ARG A 159 11.78 10.78 6.85
C ARG A 159 10.95 9.55 6.41
N TYR A 160 9.84 9.30 7.09
CA TYR A 160 8.84 8.37 6.56
C TYR A 160 8.35 8.87 5.23
N LYS A 161 7.87 10.10 5.18
CA LYS A 161 7.46 10.72 3.92
C LYS A 161 8.50 10.53 2.81
N ALA A 162 9.76 10.84 3.10
CA ALA A 162 10.80 10.76 2.07
C ALA A 162 11.00 9.36 1.51
N ALA A 163 10.91 8.35 2.37
CA ALA A 163 11.07 6.95 1.97
C ALA A 163 9.97 6.44 1.02
N PHE A 164 8.71 6.76 1.35
CA PHE A 164 7.57 6.51 0.47
C PHE A 164 7.70 7.21 -0.89
N THR A 165 8.10 8.48 -0.88
CA THR A 165 8.20 9.20 -2.15
C THR A 165 9.24 8.58 -3.09
N GLU A 166 10.41 8.21 -2.55
CA GLU A 166 11.46 7.54 -3.34
C GLU A 166 11.05 6.12 -3.79
N CYS A 167 10.58 5.30 -2.85
CA CYS A 167 10.34 3.88 -3.10
C CYS A 167 9.06 3.46 -3.82
N CYS A 168 7.97 4.25 -3.69
CA CYS A 168 6.72 3.93 -4.39
C CYS A 168 6.71 4.31 -5.90
N GLN A 169 7.81 4.94 -6.37
CA GLN A 169 8.07 5.21 -7.79
C GLN A 169 9.11 4.26 -8.40
N ALA A 170 9.70 3.38 -7.57
CA ALA A 170 10.78 2.49 -8.01
C ALA A 170 10.25 1.22 -8.64
N ALA A 171 11.16 0.49 -9.28
CA ALA A 171 10.86 -0.80 -9.91
C ALA A 171 10.59 -1.90 -8.87
N ASP A 172 11.53 -2.06 -7.95
CA ASP A 172 11.48 -3.10 -6.92
C ASP A 172 11.15 -2.40 -5.60
N LYS A 173 9.87 -2.08 -5.42
CA LYS A 173 9.37 -1.21 -4.34
C LYS A 173 9.84 -1.71 -2.98
N ALA A 174 9.55 -2.99 -2.72
CA ALA A 174 9.86 -3.63 -1.45
C ALA A 174 11.35 -3.68 -1.14
N ALA A 175 12.19 -3.83 -2.17
CA ALA A 175 13.65 -3.82 -2.00
C ALA A 175 14.15 -2.43 -1.57
N CYS A 176 13.49 -1.39 -2.07
CA CYS A 176 13.75 -0.01 -1.67
C CYS A 176 13.14 0.31 -0.29
N LEU A 177 11.82 0.22 -0.17
CA LEU A 177 11.09 0.66 1.07
C LEU A 177 11.35 -0.19 2.32
N LEU A 178 11.21 -1.52 2.25
CA LEU A 178 11.33 -2.36 3.46
C LEU A 178 12.59 -2.11 4.29
N PRO A 179 13.78 -2.04 3.65
CA PRO A 179 14.98 -1.71 4.44
C PRO A 179 15.01 -0.29 5.04
N LYS A 180 14.33 0.68 4.42
CA LYS A 180 14.20 2.01 5.03
C LYS A 180 13.33 1.98 6.27
N LEU A 181 12.22 1.23 6.20
CA LEU A 181 11.31 1.06 7.33
C LEU A 181 11.95 0.32 8.53
N ASP A 182 12.83 -0.65 8.24
CA ASP A 182 13.58 -1.32 9.30
C ASP A 182 14.57 -0.35 9.99
N GLU A 183 15.29 0.43 9.18
CA GLU A 183 16.18 1.51 9.68
C GLU A 183 15.41 2.45 10.60
N LEU A 184 14.29 2.98 10.12
CA LEU A 184 13.48 3.92 10.89
C LEU A 184 12.85 3.30 12.14
N ARG A 185 12.45 2.05 12.07
CA ARG A 185 11.89 1.35 13.23
C ARG A 185 12.89 1.22 14.38
N ASP A 186 14.14 0.93 14.03
CA ASP A 186 15.18 0.66 15.01
C ASP A 186 15.67 1.96 15.62
N GLU A 187 15.85 3.00 14.81
CA GLU A 187 16.23 4.31 15.35
C GLU A 187 15.22 4.78 16.36
N GLY A 188 13.94 4.79 15.99
CA GLY A 188 12.84 5.12 16.90
C GLY A 188 12.78 4.31 18.20
N LYS A 189 13.01 3.00 18.11
CA LYS A 189 13.14 2.18 19.32
C LYS A 189 14.38 2.56 20.13
N ALA A 190 15.51 2.75 19.45
CA ALA A 190 16.76 3.14 20.11
C ALA A 190 16.62 4.53 20.77
N SER A 191 16.03 5.48 20.04
CA SER A 191 15.84 6.85 20.51
C SER A 191 14.85 6.93 21.66
N SER A 192 13.84 6.07 21.65
CA SER A 192 12.91 5.90 22.77
C SER A 192 13.57 5.15 23.93
N ALA A 193 14.35 4.11 23.63
CA ALA A 193 15.06 3.36 24.66
C ALA A 193 16.13 4.19 25.36
N LYS A 194 16.74 5.11 24.61
CA LYS A 194 17.83 5.96 25.10
C LYS A 194 17.29 7.18 25.86
N GLN A 195 16.07 7.62 25.53
CA GLN A 195 15.36 8.63 26.33
C GLN A 195 14.95 8.01 27.66
N ARG A 196 14.28 6.87 27.60
CA ARG A 196 13.81 6.17 28.81
C ARG A 196 14.97 5.80 29.78
N LEU A 197 16.13 5.49 29.21
CA LEU A 197 17.30 5.09 29.96
C LEU A 197 17.96 6.24 30.69
N LYS A 198 18.24 7.35 30.00
CA LYS A 198 18.95 8.48 30.66
C LYS A 198 18.14 9.16 31.76
N CYS A 199 16.82 9.11 31.68
CA CYS A 199 15.95 9.59 32.77
C CYS A 199 16.02 8.73 34.03
N ALA A 200 15.99 7.40 33.86
CA ALA A 200 16.03 6.49 35.01
C ALA A 200 17.34 6.56 35.76
N SER A 201 18.45 6.77 35.05
CA SER A 201 19.78 6.85 35.69
C SER A 201 19.96 8.17 36.44
N LEU A 202 19.32 9.24 35.95
CA LEU A 202 19.18 10.49 36.68
C LEU A 202 18.52 10.28 38.06
N GLN A 203 17.40 9.55 38.08
CA GLN A 203 16.62 9.33 39.34
C GLN A 203 17.28 8.33 40.26
N LYS A 204 17.98 7.35 39.69
CA LYS A 204 18.61 6.25 40.45
C LYS A 204 20.05 6.59 40.93
N PHE A 205 20.82 7.33 40.14
CA PHE A 205 22.23 7.64 40.52
C PHE A 205 22.54 9.09 40.89
N GLY A 206 21.61 10.00 40.61
CA GLY A 206 21.72 11.36 41.07
C GLY A 206 22.22 12.27 39.98
N GLU A 207 22.14 13.55 40.31
CA GLU A 207 22.48 14.64 39.42
C GLU A 207 24.00 14.78 39.22
N ARG A 208 24.81 14.28 40.17
CA ARG A 208 26.29 14.35 40.07
C ARG A 208 26.74 13.46 38.95
N ALA A 209 26.41 12.18 39.05
CA ALA A 209 26.74 11.18 37.98
C ALA A 209 26.37 11.63 36.55
N PHE A 210 25.22 12.30 36.41
CA PHE A 210 24.75 12.79 35.11
C PHE A 210 25.67 13.94 34.61
N LYS A 211 25.96 14.88 35.51
CA LYS A 211 26.89 15.96 35.21
C LYS A 211 28.26 15.43 34.77
N ALA A 212 28.73 14.37 35.43
CA ALA A 212 29.93 13.65 34.99
C ALA A 212 29.85 13.14 33.53
N TRP A 213 28.76 12.48 33.18
CA TRP A 213 28.51 12.11 31.79
C TRP A 213 28.54 13.37 30.88
N ALA A 214 27.87 14.45 31.28
CA ALA A 214 27.70 15.62 30.39
C ALA A 214 29.03 16.33 30.07
N VAL A 215 29.82 16.55 31.12
CA VAL A 215 31.18 17.05 30.98
C VAL A 215 31.96 16.18 30.02
N ALA A 216 31.84 14.86 30.15
CA ALA A 216 32.58 13.99 29.25
C ALA A 216 32.16 14.29 27.82
N ARG A 217 30.88 14.12 27.55
CA ARG A 217 30.36 14.23 26.21
C ARG A 217 30.55 15.62 25.58
N LEU A 218 30.25 16.69 26.31
CA LEU A 218 30.39 18.03 25.78
C LEU A 218 31.83 18.42 25.45
N SER A 219 32.76 18.02 26.31
CA SER A 219 34.19 18.23 26.06
C SER A 219 34.68 17.49 24.79
N GLN A 220 34.30 16.22 24.61
CA GLN A 220 34.54 15.53 23.33
C GLN A 220 33.89 16.26 22.15
N ARG A 221 32.71 16.81 22.38
CA ARG A 221 31.98 17.49 21.34
C ARG A 221 32.62 18.85 21.00
N PHE A 222 32.94 19.61 22.05
CA PHE A 222 33.45 20.97 21.94
C PHE A 222 34.83 21.12 22.57
N PRO A 223 35.84 20.41 22.03
CA PRO A 223 37.20 20.43 22.61
C PRO A 223 37.94 21.81 22.67
N LYS A 224 37.54 22.79 21.85
CA LYS A 224 38.14 24.14 21.83
C LYS A 224 37.54 25.08 22.87
N ALA A 225 36.41 24.70 23.47
CA ALA A 225 35.77 25.53 24.50
C ALA A 225 36.56 25.44 25.80
N GLU A 226 36.46 26.50 26.60
CA GLU A 226 37.13 26.58 27.89
C GLU A 226 36.36 25.73 28.88
N PHE A 227 37.02 25.24 29.93
CA PHE A 227 36.30 24.47 30.99
C PHE A 227 35.04 25.19 31.54
N ALA A 228 35.18 26.48 31.82
CA ALA A 228 34.10 27.31 32.33
C ALA A 228 32.89 27.36 31.40
N GLU A 229 33.13 27.36 30.08
CA GLU A 229 32.03 27.32 29.08
C GLU A 229 31.37 25.95 29.06
N VAL A 230 32.19 24.90 29.07
CA VAL A 230 31.72 23.51 29.13
C VAL A 230 30.84 23.27 30.38
N SER A 231 31.23 23.87 31.50
CA SER A 231 30.59 23.67 32.81
C SER A 231 29.21 24.35 32.90
N LYS A 232 29.14 25.57 32.36
CA LYS A 232 27.88 26.27 32.10
C LYS A 232 26.95 25.38 31.26
N LEU A 233 27.48 24.79 30.18
CA LEU A 233 26.63 23.93 29.32
C LEU A 233 26.14 22.69 30.08
N VAL A 234 27.01 22.09 30.88
CA VAL A 234 26.65 20.97 31.76
C VAL A 234 25.53 21.32 32.72
N THR A 235 25.59 22.50 33.34
CA THR A 235 24.53 22.94 34.27
C THR A 235 23.19 23.13 33.55
N ASP A 236 23.22 23.73 32.36
CA ASP A 236 21.97 24.01 31.63
C ASP A 236 21.39 22.76 30.94
N LEU A 237 22.26 21.91 30.40
CA LEU A 237 21.87 20.59 29.87
C LEU A 237 21.23 19.71 30.97
N THR A 238 21.84 19.74 32.16
CA THR A 238 21.36 18.95 33.29
C THR A 238 19.95 19.36 33.70
N LYS A 239 19.66 20.66 33.61
CA LYS A 239 18.33 21.18 33.91
C LYS A 239 17.36 20.82 32.79
N VAL A 240 17.76 21.08 31.54
CA VAL A 240 16.96 20.73 30.35
C VAL A 240 16.50 19.29 30.49
N HIS A 241 17.48 18.45 30.80
CA HIS A 241 17.26 17.05 30.96
C HIS A 241 16.31 16.71 32.11
N THR A 242 16.60 17.22 33.30
CA THR A 242 15.73 17.01 34.47
C THR A 242 14.28 17.34 34.16
N GLU A 243 14.06 18.49 33.52
CA GLU A 243 12.73 18.98 33.14
C GLU A 243 12.03 18.17 32.03
N CYS A 244 12.79 17.66 31.07
CA CYS A 244 12.23 16.82 30.01
C CYS A 244 11.88 15.43 30.57
N CYS A 245 12.68 14.91 31.49
CA CYS A 245 12.30 13.65 32.17
C CYS A 245 10.95 13.80 32.88
N HIS A 246 10.69 14.95 33.50
CA HIS A 246 9.38 15.22 34.11
C HIS A 246 8.23 15.08 33.06
N GLY A 247 8.46 15.53 31.83
CA GLY A 247 7.58 15.16 30.71
C GLY A 247 6.57 16.17 30.15
N ASP A 248 6.59 17.40 30.68
CA ASP A 248 5.74 18.47 30.14
C ASP A 248 6.39 18.95 28.84
N LEU A 249 5.72 18.71 27.71
CA LEU A 249 6.29 18.96 26.37
C LEU A 249 6.79 20.42 26.21
N LEU A 250 5.92 21.37 26.52
CA LEU A 250 6.24 22.81 26.41
C LEU A 250 7.38 23.28 27.30
N GLU A 251 7.38 22.83 28.55
CA GLU A 251 8.49 23.00 29.50
C GLU A 251 9.81 22.42 28.94
N CYS A 252 9.74 21.21 28.40
CA CYS A 252 10.92 20.58 27.77
C CYS A 252 11.43 21.39 26.57
N ALA A 253 10.48 21.79 25.73
CA ALA A 253 10.71 22.53 24.49
C ALA A 253 11.27 23.95 24.70
N ASP A 254 10.76 24.66 25.71
CA ASP A 254 11.33 25.97 26.06
C ASP A 254 12.80 25.85 26.54
N ASP A 255 13.08 24.93 27.46
CA ASP A 255 14.43 24.72 27.97
C ASP A 255 15.47 24.43 26.89
N ARG A 256 15.16 23.44 26.05
CA ARG A 256 15.99 23.08 24.89
C ARG A 256 16.18 24.25 23.92
N ALA A 257 15.08 24.91 23.56
CA ALA A 257 15.14 26.12 22.71
C ALA A 257 16.04 27.19 23.31
N ASP A 258 15.95 27.38 24.63
CA ASP A 258 16.81 28.36 25.31
C ASP A 258 18.29 27.98 25.25
N LEU A 259 18.59 26.69 25.45
CA LEU A 259 19.97 26.20 25.37
C LEU A 259 20.54 26.33 23.94
N ALA A 260 19.73 25.99 22.95
CA ALA A 260 20.11 26.09 21.53
C ALA A 260 20.39 27.55 21.12
N LYS A 261 19.53 28.45 21.59
CA LYS A 261 19.68 29.89 21.35
C LYS A 261 20.98 30.44 22.02
N TYR A 262 21.22 30.11 23.28
CA TYR A 262 22.46 30.51 23.95
C TYR A 262 23.72 29.94 23.26
N ILE A 263 23.65 28.69 22.82
CA ILE A 263 24.76 28.06 22.09
C ILE A 263 24.98 28.78 20.77
N CYS A 264 23.90 29.15 20.11
CA CYS A 264 23.99 29.78 18.80
C CYS A 264 24.56 31.20 18.87
N GLU A 265 24.42 31.85 20.01
CA GLU A 265 25.02 33.19 20.25
C GLU A 265 26.47 33.16 20.72
N ASN A 266 26.99 31.98 21.02
CA ASN A 266 28.32 31.82 21.64
C ASN A 266 29.23 30.81 20.96
N GLN A 267 28.80 30.31 19.81
CA GLN A 267 29.59 29.46 18.89
C GLN A 267 31.11 29.61 19.01
N ASP A 268 31.58 30.85 18.91
CA ASP A 268 33.02 31.16 19.01
C ASP A 268 33.68 30.67 20.28
N SER A 269 32.91 30.64 21.37
CA SER A 269 33.37 30.03 22.60
C SER A 269 33.17 28.50 22.72
N ILE A 270 32.50 27.87 21.73
CA ILE A 270 31.98 26.50 21.84
C ILE A 270 32.44 25.59 20.66
N SER A 271 32.01 25.88 19.43
CA SER A 271 32.48 25.16 18.22
C SER A 271 32.41 25.99 16.91
N SER A 272 33.17 25.55 15.92
CA SER A 272 33.12 26.10 14.55
C SER A 272 32.33 25.22 13.58
N LYS A 273 31.58 24.22 14.10
CA LYS A 273 30.77 23.29 13.29
C LYS A 273 29.25 23.58 13.27
N LEU A 274 28.81 24.63 13.97
CA LEU A 274 27.36 24.88 14.20
C LEU A 274 26.73 25.95 13.31
N LYS A 275 27.48 26.40 12.31
CA LYS A 275 27.09 27.51 11.46
C LYS A 275 25.76 27.17 10.81
N GLU A 276 25.67 25.97 10.22
CA GLU A 276 24.43 25.53 9.57
C GLU A 276 23.26 25.38 10.56
N CYS A 277 23.52 24.62 11.64
CA CYS A 277 22.49 24.30 12.64
C CYS A 277 21.82 25.51 13.23
N CYS A 278 22.61 26.57 13.42
CA CYS A 278 22.13 27.82 14.03
C CYS A 278 21.35 28.74 13.08
N GLU A 279 21.41 28.47 11.78
CA GLU A 279 20.57 29.17 10.79
C GLU A 279 19.20 28.50 10.61
N LYS A 280 19.01 27.31 11.20
CA LYS A 280 17.76 26.56 11.06
C LYS A 280 16.65 27.11 11.95
N PRO A 281 15.39 26.85 11.59
CA PRO A 281 14.29 27.35 12.45
C PRO A 281 14.20 26.66 13.83
N LEU A 282 13.45 27.26 14.73
CA LEU A 282 13.44 26.90 16.14
C LEU A 282 13.17 25.41 16.39
N LEU A 283 12.19 24.89 15.67
CA LEU A 283 11.78 23.49 15.75
C LEU A 283 12.98 22.52 15.72
N GLU A 284 13.91 22.80 14.79
CA GLU A 284 15.02 21.91 14.45
C GLU A 284 16.38 22.22 15.10
N LYS A 285 16.56 23.43 15.65
CA LYS A 285 17.88 23.87 16.15
C LYS A 285 18.50 22.89 17.11
N SER A 286 17.81 22.59 18.21
CA SER A 286 18.41 21.82 19.30
C SER A 286 18.72 20.39 18.86
N HIS A 287 17.76 19.76 18.17
CA HIS A 287 17.95 18.46 17.55
C HIS A 287 19.22 18.44 16.70
N CYS A 288 19.34 19.41 15.77
CA CYS A 288 20.52 19.57 14.88
C CYS A 288 21.84 19.72 15.64
N ILE A 289 21.82 20.53 16.69
CA ILE A 289 23.00 20.75 17.51
C ILE A 289 23.32 19.48 18.24
N ALA A 290 22.29 18.76 18.70
CA ALA A 290 22.46 17.49 19.42
C ALA A 290 23.22 16.44 18.63
N GLU A 291 23.05 16.45 17.31
CA GLU A 291 23.63 15.46 16.38
C GLU A 291 24.85 15.94 15.58
N VAL A 292 25.36 17.15 15.86
CA VAL A 292 26.53 17.68 15.17
C VAL A 292 27.78 16.87 15.53
N GLU A 293 28.67 16.69 14.57
CA GLU A 293 29.89 15.93 14.81
C GLU A 293 30.82 16.70 15.73
N ASN A 294 31.72 15.95 16.36
CA ASN A 294 32.74 16.53 17.20
C ASN A 294 33.52 17.62 16.46
N ASP A 295 33.85 18.70 17.16
CA ASP A 295 34.73 19.73 16.60
C ASP A 295 36.16 19.20 16.56
N GLU A 296 36.95 19.76 15.65
CA GLU A 296 38.38 19.48 15.57
C GLU A 296 39.09 19.88 16.87
N MET A 297 39.93 18.98 17.36
CA MET A 297 40.68 19.16 18.60
C MET A 297 41.82 20.17 18.38
N PRO A 298 42.16 21.00 19.40
CA PRO A 298 43.24 21.97 19.19
C PRO A 298 44.60 21.29 19.04
N ALA A 299 45.45 21.87 18.19
CA ALA A 299 46.75 21.29 17.89
C ALA A 299 47.64 21.27 19.13
N ASP A 300 48.38 20.17 19.26
CA ASP A 300 49.52 20.04 20.18
C ASP A 300 49.16 20.34 21.65
N LEU A 301 47.97 19.93 22.07
CA LEU A 301 47.60 20.01 23.50
C LEU A 301 48.58 19.17 24.31
N PRO A 302 49.03 19.67 25.46
CA PRO A 302 50.04 18.99 26.25
C PRO A 302 49.52 17.83 27.13
N SER A 303 50.47 17.14 27.74
CA SER A 303 50.15 16.08 28.69
C SER A 303 49.27 16.58 29.85
N LEU A 304 48.40 15.71 30.35
CA LEU A 304 47.69 15.95 31.61
C LEU A 304 48.61 15.77 32.84
N ALA A 305 49.81 15.23 32.62
CA ALA A 305 50.83 15.00 33.68
C ALA A 305 51.18 16.21 34.56
N ALA A 306 51.24 17.39 33.95
CA ALA A 306 51.64 18.59 34.68
C ALA A 306 50.63 18.96 35.77
N ASP A 307 49.36 19.09 35.37
CA ASP A 307 48.28 19.56 36.27
C ASP A 307 47.78 18.50 37.25
N PHE A 308 47.89 17.22 36.88
CA PHE A 308 47.16 16.15 37.56
C PHE A 308 47.99 15.05 38.23
N VAL A 309 49.30 15.09 38.04
CA VAL A 309 50.23 14.10 38.61
C VAL A 309 51.47 14.76 39.21
N GLU A 310 52.14 15.62 38.46
CA GLU A 310 53.45 16.16 38.86
C GLU A 310 53.40 17.39 39.77
N SER A 311 52.40 18.25 39.56
CA SER A 311 52.17 19.42 40.41
C SER A 311 52.20 19.09 41.93
N LYS A 312 52.84 19.96 42.70
CA LYS A 312 52.83 19.86 44.16
C LYS A 312 51.48 20.27 44.76
N ASP A 313 50.67 21.04 44.02
CA ASP A 313 49.34 21.52 44.46
C ASP A 313 48.16 20.61 44.10
N VAL A 314 48.41 19.34 43.80
CA VAL A 314 47.33 18.45 43.35
C VAL A 314 46.30 18.24 44.46
N CYS A 315 46.78 17.91 45.65
CA CYS A 315 45.87 17.61 46.77
C CYS A 315 45.16 18.86 47.26
N LYS A 316 45.84 20.00 47.13
CA LYS A 316 45.32 21.22 47.63
C LYS A 316 44.20 21.66 46.69
N ASN A 317 44.49 21.63 45.38
CA ASN A 317 43.53 22.03 44.34
C ASN A 317 42.30 21.14 44.32
N TYR A 318 42.53 19.84 44.50
CA TYR A 318 41.47 18.85 44.72
C TYR A 318 40.63 19.13 45.98
N ALA A 319 41.25 19.16 47.18
CA ALA A 319 40.52 19.30 48.46
C ALA A 319 39.67 20.55 48.59
N GLU A 320 40.06 21.64 47.92
CA GLU A 320 39.29 22.87 48.06
C GLU A 320 38.00 22.92 47.21
N ALA A 321 37.82 21.96 46.30
CA ALA A 321 36.67 21.91 45.39
C ALA A 321 36.70 20.63 44.52
N LYS A 322 36.52 19.48 45.18
CA LYS A 322 36.75 18.16 44.58
C LYS A 322 36.13 17.97 43.20
N ASP A 323 34.80 18.00 43.15
CA ASP A 323 34.06 17.78 41.91
C ASP A 323 34.49 18.68 40.75
N VAL A 324 34.87 19.93 41.05
CA VAL A 324 35.38 20.81 40.01
C VAL A 324 36.70 20.26 39.46
N PHE A 325 37.62 19.95 40.36
CA PHE A 325 38.91 19.39 39.99
C PHE A 325 38.77 18.11 39.17
N LEU A 326 37.82 17.25 39.53
CA LEU A 326 37.58 16.03 38.75
C LEU A 326 36.90 16.36 37.43
N GLY A 327 36.05 17.38 37.45
CA GLY A 327 35.46 17.91 36.24
C GLY A 327 36.51 18.42 35.27
N MET A 328 37.53 19.09 35.80
CA MET A 328 38.61 19.59 34.99
C MET A 328 39.45 18.46 34.42
N PHE A 329 39.70 17.45 35.24
CA PHE A 329 40.38 16.25 34.80
C PHE A 329 39.62 15.52 33.71
N LEU A 330 38.31 15.37 33.92
CA LEU A 330 37.43 14.69 32.94
C LEU A 330 37.32 15.48 31.60
N TYR A 331 37.20 16.80 31.70
CA TYR A 331 37.33 17.74 30.58
C TYR A 331 38.59 17.56 29.74
N GLU A 332 39.76 17.60 30.36
CA GLU A 332 41.03 17.58 29.62
C GLU A 332 41.28 16.22 29.02
N TYR A 333 40.89 15.15 29.73
CA TYR A 333 41.06 13.79 29.21
C TYR A 333 40.09 13.53 28.05
N ALA A 334 38.88 14.10 28.12
CA ALA A 334 37.86 13.83 27.13
C ALA A 334 38.03 14.64 25.85
N ARG A 335 38.41 15.91 25.94
CA ARG A 335 38.66 16.69 24.71
C ARG A 335 39.81 16.09 23.86
N ARG A 336 40.79 15.46 24.51
CA ARG A 336 41.87 14.75 23.81
C ARG A 336 41.43 13.41 23.21
N HIS A 337 40.26 12.89 23.58
CA HIS A 337 39.86 11.55 23.20
C HIS A 337 38.41 11.42 22.77
N PRO A 338 38.06 11.96 21.58
CA PRO A 338 36.79 11.57 20.90
C PRO A 338 36.71 10.07 20.51
N ASP A 339 37.83 9.35 20.57
CA ASP A 339 37.87 7.90 20.39
C ASP A 339 37.44 7.05 21.63
N TYR A 340 37.27 7.67 22.77
CA TYR A 340 36.81 6.89 23.91
C TYR A 340 35.30 6.95 23.98
N SER A 341 34.77 5.87 24.51
CA SER A 341 33.41 5.79 24.91
C SER A 341 33.34 6.69 26.14
N VAL A 342 32.23 7.39 26.24
CA VAL A 342 31.97 8.24 27.37
C VAL A 342 32.18 7.44 28.67
N VAL A 343 31.58 6.25 28.79
CA VAL A 343 31.73 5.52 30.07
C VAL A 343 33.16 5.05 30.35
N LEU A 344 34.04 5.00 29.34
CA LEU A 344 35.47 4.73 29.58
C LEU A 344 36.17 5.90 30.29
N LEU A 345 35.86 7.14 29.86
CA LEU A 345 36.37 8.35 30.51
C LEU A 345 35.86 8.46 31.95
N LEU A 346 34.60 8.11 32.14
CA LEU A 346 34.04 8.00 33.48
C LEU A 346 34.71 6.93 34.35
N ARG A 347 35.16 5.82 33.78
CA ARG A 347 36.01 4.88 34.58
C ARG A 347 37.29 5.53 35.03
N LEU A 348 37.92 6.26 34.11
CA LEU A 348 39.20 6.90 34.37
C LEU A 348 39.12 8.01 35.41
N ALA A 349 38.06 8.83 35.34
CA ALA A 349 37.78 9.86 36.37
C ALA A 349 37.55 9.24 37.74
N LYS A 350 36.75 8.16 37.78
CA LYS A 350 36.52 7.40 39.00
C LYS A 350 37.79 6.74 39.53
N THR A 351 38.60 6.16 38.65
CA THR A 351 39.90 5.62 39.06
C THR A 351 40.81 6.70 39.67
N TYR A 352 40.98 7.81 38.95
CA TYR A 352 41.65 9.02 39.49
C TYR A 352 41.07 9.43 40.85
N GLU A 353 39.76 9.72 40.91
CA GLU A 353 39.04 10.05 42.17
C GLU A 353 39.41 9.11 43.35
N THR A 354 39.24 7.81 43.16
CA THR A 354 39.64 6.81 44.15
C THR A 354 41.13 6.92 44.57
N THR A 355 42.02 7.18 43.63
CA THR A 355 43.43 7.29 43.99
C THR A 355 43.75 8.59 44.78
N LEU A 356 43.07 9.70 44.46
CA LEU A 356 43.25 10.96 45.16
C LEU A 356 42.67 10.87 46.56
N GLU A 357 41.51 10.27 46.72
CA GLU A 357 40.99 9.97 48.06
C GLU A 357 41.95 9.14 48.93
N LYS A 358 42.69 8.22 48.31
CA LYS A 358 43.60 7.35 49.04
C LYS A 358 44.90 8.10 49.35
N CYS A 359 45.48 8.71 48.31
CA CYS A 359 46.85 9.23 48.37
C CYS A 359 47.01 10.58 49.08
N CYS A 360 46.06 11.49 48.90
CA CYS A 360 46.07 12.76 49.64
C CYS A 360 45.95 12.54 51.16
N ALA A 361 45.29 11.46 51.59
CA ALA A 361 45.32 11.01 53.00
C ALA A 361 46.58 10.21 53.42
N ALA A 362 47.50 9.97 52.49
CA ALA A 362 48.68 9.14 52.74
C ALA A 362 49.91 9.93 53.19
N ALA A 363 50.83 9.18 53.81
CA ALA A 363 52.14 9.67 54.27
C ALA A 363 52.89 10.56 53.25
N ASP A 364 52.98 10.09 52.02
CA ASP A 364 53.63 10.82 50.93
C ASP A 364 52.71 10.79 49.70
N PRO A 365 51.83 11.80 49.56
CA PRO A 365 50.87 11.73 48.44
C PRO A 365 51.48 11.79 47.05
N HIS A 366 52.49 12.62 46.80
CA HIS A 366 53.13 12.74 45.46
C HIS A 366 53.76 11.42 44.95
N GLU A 367 54.43 10.71 45.84
CA GLU A 367 54.96 9.38 45.56
C GLU A 367 53.81 8.40 45.31
N CYS A 368 52.78 8.49 46.14
CA CYS A 368 51.61 7.59 46.08
C CYS A 368 50.83 7.65 44.75
N TYR A 369 50.55 8.85 44.24
CA TYR A 369 49.79 8.98 42.96
C TYR A 369 50.68 9.23 41.75
N ALA A 370 52.01 9.09 41.89
CA ALA A 370 52.95 9.37 40.76
C ALA A 370 52.69 8.52 39.51
N LYS A 371 52.18 7.31 39.74
CA LYS A 371 51.95 6.31 38.71
C LYS A 371 50.47 6.11 38.38
N VAL A 372 49.61 7.08 38.68
CA VAL A 372 48.16 6.88 38.50
C VAL A 372 47.78 6.59 37.04
N PHE A 373 48.56 7.10 36.09
CA PHE A 373 48.35 6.82 34.66
C PHE A 373 48.53 5.34 34.26
N ASP A 374 49.36 4.59 35.00
CA ASP A 374 49.45 3.13 34.87
C ASP A 374 48.09 2.44 35.08
N GLU A 375 47.29 2.94 36.03
CA GLU A 375 45.95 2.35 36.32
C GLU A 375 44.96 2.53 35.14
N PHE A 376 45.18 3.58 34.34
CA PHE A 376 44.34 3.85 33.18
C PHE A 376 44.57 2.86 32.05
N LYS A 377 45.85 2.57 31.80
CA LYS A 377 46.30 1.69 30.70
C LYS A 377 45.44 0.41 30.49
N PRO A 378 45.31 -0.46 31.52
CA PRO A 378 44.44 -1.63 31.35
C PRO A 378 42.92 -1.36 31.10
N LEU A 379 42.36 -0.26 31.64
CA LEU A 379 40.94 0.06 31.45
C LEU A 379 40.63 0.63 30.07
N VAL A 380 41.56 1.41 29.53
CA VAL A 380 41.56 1.82 28.13
C VAL A 380 41.62 0.64 27.17
N GLU A 381 42.53 -0.32 27.44
CA GLU A 381 42.84 -1.41 26.48
C GLU A 381 41.84 -2.58 26.44
N GLU A 382 41.12 -2.80 27.53
CA GLU A 382 40.12 -3.83 27.62
C GLU A 382 39.02 -3.68 26.58
N PRO A 383 38.44 -2.48 26.44
CA PRO A 383 37.48 -2.33 25.36
C PRO A 383 38.12 -2.27 23.98
N GLN A 384 39.28 -1.64 23.83
CA GLN A 384 39.99 -1.60 22.51
C GLN A 384 40.23 -3.03 21.97
N ASN A 385 40.77 -3.92 22.80
CA ASN A 385 41.06 -5.30 22.37
C ASN A 385 39.79 -6.11 22.07
N LEU A 386 38.78 -5.95 22.89
CA LEU A 386 37.52 -6.62 22.69
C LEU A 386 36.83 -6.15 21.38
N ILE A 387 36.91 -4.86 21.07
CA ILE A 387 36.43 -4.38 19.75
C ILE A 387 37.27 -5.01 18.61
N LYS A 388 38.58 -5.06 18.77
CA LYS A 388 39.43 -5.64 17.74
C LYS A 388 39.10 -7.11 17.46
N GLN A 389 38.93 -7.91 18.51
CA GLN A 389 38.71 -9.36 18.33
C GLN A 389 37.36 -9.60 17.68
N ASN A 390 36.34 -8.93 18.22
CA ASN A 390 34.98 -9.08 17.73
C ASN A 390 34.80 -8.53 16.31
N CYS A 391 35.45 -7.41 15.96
CA CYS A 391 35.44 -6.94 14.55
C CYS A 391 36.34 -7.75 13.60
N GLU A 392 37.37 -8.42 14.10
CA GLU A 392 38.14 -9.40 13.29
C GLU A 392 37.25 -10.60 12.95
N LEU A 393 36.66 -11.17 13.99
CA LEU A 393 35.72 -12.31 13.87
C LEU A 393 34.59 -11.98 12.90
N PHE A 394 34.06 -10.76 12.97
CA PHE A 394 33.01 -10.33 12.05
C PHE A 394 33.50 -10.21 10.62
N GLU A 395 34.74 -9.75 10.41
CA GLU A 395 35.31 -9.67 9.05
C GLU A 395 35.44 -11.07 8.40
N GLN A 396 35.95 -12.06 9.14
CA GLN A 396 36.05 -13.42 8.57
C GLN A 396 34.72 -14.17 8.40
N LEU A 397 33.68 -13.84 9.17
CA LEU A 397 32.39 -14.55 9.15
C LEU A 397 31.24 -13.90 8.35
N GLY A 398 31.17 -12.58 8.29
CA GLY A 398 29.97 -11.91 7.79
C GLY A 398 28.90 -11.85 8.87
N GLU A 399 27.88 -11.02 8.65
CA GLU A 399 26.88 -10.72 9.69
C GLU A 399 26.20 -11.99 10.21
N TYR A 400 25.76 -12.84 9.29
CA TYR A 400 24.90 -13.98 9.63
C TYR A 400 25.59 -15.03 10.49
N LYS A 401 26.78 -15.44 10.05
CA LYS A 401 27.57 -16.44 10.78
C LYS A 401 28.18 -15.85 12.05
N PHE A 402 28.53 -14.57 12.01
CA PHE A 402 28.97 -13.87 13.22
C PHE A 402 27.86 -13.89 14.29
N GLN A 403 26.61 -13.79 13.88
CA GLN A 403 25.51 -13.87 14.84
C GLN A 403 25.45 -15.26 15.48
N ASN A 404 25.62 -16.31 14.69
CA ASN A 404 25.66 -17.67 15.22
C ASN A 404 26.81 -17.88 16.21
N ALA A 405 27.99 -17.34 15.90
CA ALA A 405 29.12 -17.36 16.82
C ALA A 405 28.73 -16.75 18.15
N LEU A 406 28.09 -15.59 18.08
CA LEU A 406 27.57 -14.88 19.28
C LEU A 406 26.43 -15.64 19.96
N LEU A 407 25.52 -16.19 19.16
CA LEU A 407 24.36 -16.90 19.64
C LEU A 407 24.81 -18.06 20.53
N VAL A 408 25.81 -18.78 20.06
CA VAL A 408 26.46 -19.89 20.79
C VAL A 408 27.12 -19.36 22.06
N ARG A 409 27.96 -18.37 21.89
CA ARG A 409 28.65 -17.75 23.02
C ARG A 409 27.75 -17.39 24.18
N TYR A 410 26.61 -16.76 23.92
CA TYR A 410 25.73 -16.24 24.99
C TYR A 410 24.68 -17.24 25.47
N THR A 411 24.34 -18.21 24.62
CA THR A 411 23.57 -19.36 25.10
C THR A 411 24.35 -20.13 26.17
N LYS A 412 25.64 -20.38 25.94
CA LYS A 412 26.52 -21.02 26.95
C LYS A 412 26.71 -20.19 28.23
N LYS A 413 26.70 -18.86 28.12
CA LYS A 413 26.91 -18.05 29.31
C LYS A 413 25.67 -17.99 30.20
N VAL A 414 24.48 -17.96 29.57
CA VAL A 414 23.21 -17.77 30.25
C VAL A 414 22.15 -18.64 29.56
N PRO A 415 22.27 -19.97 29.70
CA PRO A 415 21.28 -20.87 29.08
C PRO A 415 19.83 -20.73 29.58
N GLN A 416 19.60 -19.99 30.67
CA GLN A 416 18.27 -19.91 31.29
C GLN A 416 17.33 -18.98 30.54
N VAL A 417 17.89 -18.04 29.77
CA VAL A 417 17.10 -17.09 28.98
C VAL A 417 16.32 -17.89 27.94
N SER A 418 15.12 -17.43 27.60
CA SER A 418 14.31 -18.11 26.61
C SER A 418 14.97 -17.95 25.23
N THR A 419 14.75 -18.96 24.40
CA THR A 419 15.40 -19.06 23.11
C THR A 419 15.11 -17.87 22.16
N PRO A 420 13.86 -17.35 22.15
CA PRO A 420 13.58 -16.19 21.31
C PRO A 420 14.34 -14.94 21.70
N THR A 421 14.54 -14.74 22.99
CA THR A 421 15.34 -13.61 23.48
C THR A 421 16.82 -13.78 23.12
N LEU A 422 17.36 -14.98 23.27
CA LEU A 422 18.75 -15.22 22.85
C LEU A 422 18.94 -14.94 21.36
N VAL A 423 17.95 -15.31 20.55
CA VAL A 423 17.99 -15.05 19.10
C VAL A 423 17.96 -13.56 18.78
N GLU A 424 17.11 -12.80 19.46
CA GLU A 424 16.93 -11.38 19.20
C GLU A 424 18.19 -10.63 19.61
N VAL A 425 18.70 -10.91 20.82
CA VAL A 425 19.93 -10.27 21.31
C VAL A 425 21.11 -10.58 20.41
N SER A 426 21.21 -11.81 19.93
CA SER A 426 22.33 -12.18 19.09
C SER A 426 22.28 -11.43 17.77
N ARG A 427 21.14 -11.56 17.10
CA ARG A 427 20.90 -10.88 15.85
C ARG A 427 21.26 -9.41 16.00
N ASN A 428 20.61 -8.78 16.98
CA ASN A 428 20.80 -7.35 17.24
C ASN A 428 22.27 -6.95 17.46
N LEU A 429 23.05 -7.77 18.16
CA LEU A 429 24.49 -7.51 18.34
C LEU A 429 25.25 -7.70 17.06
N GLY A 430 24.80 -8.64 16.22
CA GLY A 430 25.33 -8.81 14.89
C GLY A 430 25.26 -7.56 14.05
N LYS A 431 24.15 -6.84 14.16
CA LYS A 431 23.95 -5.59 13.41
C LYS A 431 24.89 -4.52 13.96
N VAL A 432 25.09 -4.54 15.27
CA VAL A 432 26.03 -3.62 15.91
C VAL A 432 27.43 -3.88 15.39
N GLY A 433 27.80 -5.15 15.28
CA GLY A 433 29.02 -5.54 14.59
C GLY A 433 29.07 -4.98 13.18
N SER A 434 27.99 -5.19 12.43
CA SER A 434 27.96 -4.79 11.03
C SER A 434 28.08 -3.29 10.82
N LYS A 435 27.47 -2.48 11.68
CA LYS A 435 27.63 -1.03 11.58
C LYS A 435 29.00 -0.61 12.12
N CYS A 436 29.26 -0.86 13.40
CA CYS A 436 30.39 -0.20 14.07
C CYS A 436 31.77 -0.60 13.57
N CYS A 437 31.89 -1.79 12.99
CA CYS A 437 33.18 -2.26 12.44
C CYS A 437 33.59 -1.63 11.08
N LYS A 438 32.61 -1.09 10.34
CA LYS A 438 32.88 -0.26 9.16
C LYS A 438 33.60 1.07 9.49
N HIS A 439 33.56 1.51 10.74
CA HIS A 439 34.40 2.65 11.21
C HIS A 439 35.87 2.23 11.44
N PRO A 440 36.82 3.18 11.30
CA PRO A 440 38.19 2.91 11.72
C PRO A 440 38.31 2.90 13.26
N GLU A 441 39.46 2.49 13.78
CA GLU A 441 39.70 2.44 15.25
C GLU A 441 39.33 3.73 15.98
N ALA A 442 39.58 4.87 15.34
CA ALA A 442 39.29 6.16 15.94
C ALA A 442 37.85 6.33 16.42
N LYS A 443 36.87 5.68 15.77
CA LYS A 443 35.45 5.88 16.08
C LYS A 443 34.68 4.59 16.49
N ARG A 444 35.36 3.45 16.58
CA ARG A 444 34.69 2.18 16.87
C ARG A 444 34.01 2.14 18.26
N MET A 445 34.69 2.70 19.26
CA MET A 445 34.24 2.64 20.67
C MET A 445 33.01 3.52 21.00
N PRO A 446 32.93 4.75 20.46
CA PRO A 446 31.70 5.56 20.58
C PRO A 446 30.49 4.92 19.90
N CYS A 447 30.72 4.33 18.74
CA CYS A 447 29.66 3.67 17.99
C CYS A 447 29.07 2.52 18.80
N ALA A 448 29.93 1.61 19.24
CA ALA A 448 29.48 0.48 20.06
C ALA A 448 28.78 0.94 21.33
N GLU A 449 29.30 1.95 22.03
CA GLU A 449 28.72 2.42 23.29
C GLU A 449 27.28 2.87 23.10
N ASP A 450 26.99 3.55 22.00
CA ASP A 450 25.63 4.02 21.76
C ASP A 450 24.71 2.94 21.22
N TYR A 451 25.25 1.99 20.46
CA TYR A 451 24.47 0.82 20.05
C TYR A 451 24.28 -0.22 21.15
N LEU A 452 25.32 -0.54 21.91
CA LEU A 452 25.21 -1.53 22.98
C LEU A 452 24.32 -1.09 24.13
N SER A 453 24.36 0.19 24.49
CA SER A 453 23.49 0.68 25.56
C SER A 453 22.01 0.63 25.19
N VAL A 454 21.71 0.63 23.88
CA VAL A 454 20.37 0.40 23.36
C VAL A 454 20.01 -1.07 23.52
N VAL A 455 20.82 -1.93 22.93
CA VAL A 455 20.60 -3.38 22.99
C VAL A 455 20.60 -3.95 24.42
N LEU A 456 21.50 -3.44 25.28
CA LEU A 456 21.58 -3.86 26.67
C LEU A 456 20.43 -3.31 27.52
N ASN A 457 19.81 -2.20 27.11
CA ASN A 457 18.54 -1.78 27.74
C ASN A 457 17.38 -2.73 27.40
N GLN A 458 17.08 -2.88 26.11
CA GLN A 458 16.09 -3.89 25.65
C GLN A 458 16.17 -5.18 26.49
N LEU A 459 17.40 -5.62 26.76
CA LEU A 459 17.69 -6.84 27.51
C LEU A 459 17.32 -6.74 28.98
N CYS A 460 17.73 -5.68 29.63
CA CYS A 460 17.36 -5.50 31.03
C CYS A 460 15.87 -5.21 31.19
N VAL A 461 15.26 -4.59 30.18
CA VAL A 461 13.80 -4.44 30.12
C VAL A 461 13.15 -5.82 30.23
N LEU A 462 13.44 -6.68 29.23
CA LEU A 462 12.93 -8.06 29.19
C LEU A 462 13.19 -8.88 30.46
N HIS A 463 14.31 -8.62 31.12
CA HIS A 463 14.78 -9.39 32.28
C HIS A 463 14.37 -8.85 33.64
N GLU A 464 14.16 -7.54 33.73
CA GLU A 464 13.37 -6.96 34.83
C GLU A 464 11.99 -7.62 34.87
N LYS A 465 11.36 -7.70 33.69
CA LYS A 465 9.98 -8.17 33.54
C LYS A 465 9.81 -9.69 33.79
N THR A 466 10.77 -10.50 33.33
CA THR A 466 10.71 -11.96 33.48
C THR A 466 12.06 -12.56 33.91
N PRO A 467 12.49 -12.27 35.15
CA PRO A 467 13.86 -12.63 35.58
C PRO A 467 14.13 -14.12 35.59
N VAL A 468 15.35 -14.50 35.16
CA VAL A 468 15.84 -15.89 35.15
C VAL A 468 17.23 -16.11 35.79
N SER A 469 18.01 -15.03 35.97
CA SER A 469 19.43 -15.15 36.35
C SER A 469 19.87 -14.00 37.26
N ASP A 470 20.34 -14.35 38.46
CA ASP A 470 20.97 -13.38 39.35
C ASP A 470 22.09 -12.60 38.67
N ARG A 471 22.91 -13.24 37.86
CA ARG A 471 24.05 -12.58 37.25
C ARG A 471 23.60 -11.55 36.20
N VAL A 472 22.53 -11.85 35.49
CA VAL A 472 21.94 -10.90 34.57
C VAL A 472 21.27 -9.75 35.32
N THR A 473 20.72 -10.01 36.50
CA THR A 473 20.15 -8.93 37.32
C THR A 473 21.23 -7.96 37.83
N LYS A 474 22.33 -8.54 38.33
CA LYS A 474 23.51 -7.83 38.83
C LYS A 474 24.00 -6.78 37.85
N CYS A 475 24.32 -7.17 36.63
CA CYS A 475 24.75 -6.23 35.59
C CYS A 475 23.70 -5.21 35.18
N CYS A 476 22.42 -5.60 35.17
CA CYS A 476 21.31 -4.68 34.87
C CYS A 476 20.93 -3.66 35.97
N THR A 477 21.50 -3.75 37.15
CA THR A 477 21.25 -2.77 38.23
C THR A 477 22.52 -2.12 38.80
N GLU A 478 23.71 -2.63 38.42
CA GLU A 478 24.98 -1.88 38.52
C GLU A 478 24.87 -0.46 37.94
N SER A 479 25.92 0.32 38.16
CA SER A 479 26.08 1.57 37.43
C SER A 479 26.03 1.35 35.92
N LEU A 480 25.47 2.32 35.19
CA LEU A 480 25.61 2.37 33.70
C LEU A 480 27.05 2.38 33.19
N VAL A 481 28.00 2.73 34.06
CA VAL A 481 29.41 2.67 33.73
C VAL A 481 29.94 1.23 33.74
N ASN A 482 29.40 0.38 34.62
CA ASN A 482 29.83 -1.02 34.73
C ASN A 482 28.91 -1.99 34.11
N ARG A 483 27.87 -1.51 33.42
CA ARG A 483 26.85 -2.39 32.88
C ARG A 483 27.49 -3.32 31.88
N ARG A 484 28.10 -2.74 30.87
CA ARG A 484 28.71 -3.52 29.81
C ARG A 484 29.90 -4.35 30.28
N PRO A 485 30.82 -3.76 31.06
CA PRO A 485 31.91 -4.57 31.64
C PRO A 485 31.42 -5.77 32.47
N CYS A 486 30.31 -5.58 33.21
CA CYS A 486 29.64 -6.65 33.94
C CYS A 486 29.18 -7.78 33.00
N PHE A 487 28.43 -7.46 31.96
CA PHE A 487 27.97 -8.49 31.02
C PHE A 487 29.13 -9.17 30.32
N SER A 488 30.13 -8.39 29.92
CA SER A 488 31.38 -8.95 29.37
C SER A 488 32.06 -9.94 30.31
N ALA A 489 31.97 -9.69 31.61
CA ALA A 489 32.62 -10.55 32.62
C ALA A 489 31.92 -11.86 32.91
N LEU A 490 30.74 -12.10 32.32
CA LEU A 490 29.97 -13.31 32.63
C LEU A 490 30.69 -14.56 32.12
N GLU A 491 30.87 -15.54 32.99
CA GLU A 491 31.46 -16.81 32.60
C GLU A 491 30.38 -17.73 32.04
N VAL A 492 30.83 -18.83 31.44
CA VAL A 492 29.95 -19.92 31.00
C VAL A 492 29.28 -20.55 32.22
N ASP A 493 27.97 -20.79 32.11
CA ASP A 493 27.22 -21.35 33.23
C ASP A 493 27.57 -22.83 33.37
N GLU A 494 28.25 -23.20 34.46
CA GLU A 494 28.66 -24.59 34.72
C GLU A 494 27.75 -25.37 35.69
N THR A 495 26.78 -24.71 36.31
CA THR A 495 25.72 -25.39 37.06
C THR A 495 24.68 -26.01 36.14
N TYR A 496 24.56 -25.50 34.91
CA TYR A 496 23.45 -25.85 34.01
C TYR A 496 23.34 -27.36 33.68
N VAL A 497 22.14 -27.90 33.86
CA VAL A 497 21.82 -29.28 33.46
C VAL A 497 21.32 -29.22 32.02
N PRO A 498 21.96 -29.98 31.10
CA PRO A 498 21.52 -30.01 29.71
C PRO A 498 20.00 -30.20 29.52
N LYS A 499 19.42 -29.48 28.57
CA LYS A 499 17.98 -29.57 28.29
C LYS A 499 17.59 -30.99 27.82
N GLU A 500 16.41 -31.46 28.25
CA GLU A 500 15.87 -32.75 27.78
C GLU A 500 15.69 -32.70 26.27
N PHE A 501 16.16 -33.75 25.60
CA PHE A 501 16.05 -33.85 24.16
C PHE A 501 14.59 -33.88 23.73
N ASN A 502 14.21 -32.96 22.83
CA ASN A 502 12.86 -32.94 22.28
C ASN A 502 12.97 -33.18 20.78
N ALA A 503 12.06 -34.01 20.27
CA ALA A 503 12.11 -34.50 18.89
C ALA A 503 11.60 -33.45 17.93
N GLU A 504 10.47 -32.83 18.28
CA GLU A 504 9.86 -31.83 17.41
C GLU A 504 10.81 -30.63 17.21
N THR A 505 11.48 -30.22 18.29
CA THR A 505 12.46 -29.12 18.23
C THR A 505 13.44 -29.27 17.05
N PHE A 506 13.84 -30.50 16.73
CA PHE A 506 14.74 -30.76 15.59
C PHE A 506 14.07 -31.50 14.43
N THR A 507 12.78 -31.24 14.25
CA THR A 507 12.01 -31.74 13.11
C THR A 507 11.77 -30.55 12.20
N PHE A 508 12.12 -30.74 10.92
CA PHE A 508 12.03 -29.71 9.90
C PHE A 508 11.15 -30.17 8.74
N HIS A 509 10.62 -29.18 8.02
CA HIS A 509 9.74 -29.41 6.87
C HIS A 509 10.21 -28.55 5.69
N ALA A 510 9.54 -28.71 4.55
CA ALA A 510 9.90 -27.93 3.36
C ALA A 510 9.44 -26.47 3.41
N ASP A 511 8.71 -26.07 4.46
CA ASP A 511 8.36 -24.66 4.68
C ASP A 511 9.58 -23.72 4.78
N ILE A 512 10.72 -24.23 5.25
CA ILE A 512 11.97 -23.43 5.29
C ILE A 512 12.60 -23.13 3.92
N CYS A 513 12.21 -23.86 2.87
CA CYS A 513 12.61 -23.53 1.50
C CYS A 513 11.88 -22.32 0.97
N THR A 514 10.71 -22.06 1.57
CA THR A 514 9.76 -21.08 1.10
C THR A 514 9.79 -19.76 1.84
N LEU A 515 10.29 -19.75 3.08
CA LEU A 515 10.30 -18.54 3.89
C LEU A 515 11.26 -17.49 3.33
N SER A 516 11.09 -16.26 3.79
CA SER A 516 12.06 -15.17 3.54
C SER A 516 13.41 -15.44 4.21
N GLU A 517 14.42 -14.64 3.85
CA GLU A 517 15.77 -14.79 4.43
C GLU A 517 15.74 -14.70 5.95
N LYS A 518 15.30 -13.55 6.45
CA LYS A 518 15.22 -13.27 7.90
C LYS A 518 14.54 -14.42 8.66
N GLU A 519 13.37 -14.80 8.19
CA GLU A 519 12.55 -15.86 8.82
C GLU A 519 13.23 -17.22 8.83
N ARG A 520 13.87 -17.56 7.70
CA ARG A 520 14.65 -18.80 7.56
C ARG A 520 15.83 -18.79 8.50
N GLN A 521 16.50 -17.64 8.54
CA GLN A 521 17.61 -17.42 9.45
C GLN A 521 17.18 -17.56 10.93
N ILE A 522 16.10 -16.90 11.33
CA ILE A 522 15.55 -16.98 12.71
C ILE A 522 15.18 -18.41 13.11
N LYS A 523 14.63 -19.18 12.17
CA LYS A 523 14.24 -20.57 12.42
C LYS A 523 15.47 -21.50 12.50
N LYS A 524 16.48 -21.23 11.67
CA LYS A 524 17.80 -21.86 11.80
C LYS A 524 18.49 -21.49 13.10
N GLN A 525 18.42 -20.19 13.42
CA GLN A 525 19.13 -19.66 14.58
C GLN A 525 18.49 -20.12 15.89
N THR A 526 17.15 -20.22 15.92
CA THR A 526 16.37 -20.80 17.04
C THR A 526 16.84 -22.23 17.36
N ALA A 527 17.03 -22.99 16.28
CA ALA A 527 17.46 -24.38 16.37
C ALA A 527 18.89 -24.56 16.90
N LEU A 528 19.79 -23.62 16.58
CA LEU A 528 21.18 -23.67 17.06
C LEU A 528 21.25 -23.43 18.57
N VAL A 529 20.40 -22.51 19.05
CA VAL A 529 20.30 -22.21 20.49
C VAL A 529 19.85 -23.50 21.19
N GLU A 530 18.69 -24.02 20.79
CA GLU A 530 18.12 -25.22 21.44
C GLU A 530 19.10 -26.38 21.41
N LEU A 531 19.89 -26.45 20.33
CA LEU A 531 20.95 -27.44 20.20
C LEU A 531 22.03 -27.23 21.25
N VAL A 532 22.49 -25.97 21.38
CA VAL A 532 23.44 -25.61 22.45
C VAL A 532 22.83 -25.85 23.84
N LYS A 533 21.53 -25.62 23.99
CA LYS A 533 20.82 -25.90 25.24
C LYS A 533 20.79 -27.38 25.63
N HIS A 534 20.72 -28.28 24.65
CA HIS A 534 20.76 -29.73 24.90
C HIS A 534 22.19 -30.30 25.00
N LYS A 535 23.12 -29.76 24.22
CA LYS A 535 24.52 -30.24 24.25
C LYS A 535 25.51 -29.11 24.57
N PRO A 536 25.40 -28.53 25.78
CA PRO A 536 26.22 -27.37 26.13
C PRO A 536 27.73 -27.61 26.12
N LYS A 537 28.17 -28.85 26.32
CA LYS A 537 29.60 -29.15 26.30
C LYS A 537 30.16 -29.16 24.86
N ALA A 538 29.28 -29.08 23.85
CA ALA A 538 29.64 -29.24 22.44
C ALA A 538 30.71 -28.26 21.99
N THR A 539 31.80 -28.81 21.46
CA THR A 539 32.97 -28.04 21.09
C THR A 539 32.70 -27.25 19.80
N LYS A 540 33.62 -26.35 19.45
CA LYS A 540 33.48 -25.56 18.22
C LYS A 540 33.56 -26.41 16.96
N GLU A 541 34.33 -27.50 16.99
CA GLU A 541 34.48 -28.41 15.85
C GLU A 541 33.25 -29.32 15.71
N GLN A 542 32.76 -29.87 16.84
CA GLN A 542 31.49 -30.64 16.87
C GLN A 542 30.25 -29.82 16.45
N LEU A 543 30.18 -28.56 16.88
CA LEU A 543 29.05 -27.68 16.52
C LEU A 543 29.10 -27.27 15.05
N LYS A 544 30.27 -26.90 14.55
CA LYS A 544 30.49 -26.64 13.12
C LYS A 544 30.11 -27.84 12.23
N ALA A 545 30.49 -29.04 12.65
CA ALA A 545 30.22 -30.27 11.86
C ALA A 545 28.73 -30.62 11.81
N VAL A 546 28.03 -30.37 12.91
CA VAL A 546 26.57 -30.51 12.97
C VAL A 546 25.91 -29.48 12.04
N MET A 547 26.45 -28.27 12.04
CA MET A 547 25.95 -27.20 11.18
C MET A 547 26.21 -27.48 9.71
N ASP A 548 27.33 -28.13 9.38
CA ASP A 548 27.67 -28.41 7.98
C ASP A 548 26.78 -29.47 7.34
N ASP A 549 26.50 -30.52 8.10
CA ASP A 549 25.56 -31.57 7.66
C ASP A 549 24.16 -30.97 7.50
N PHE A 550 23.76 -30.12 8.44
CA PHE A 550 22.49 -29.39 8.36
C PHE A 550 22.47 -28.41 7.17
N ALA A 551 23.60 -27.80 6.86
CA ALA A 551 23.69 -26.94 5.68
C ALA A 551 23.44 -27.74 4.41
N ALA A 552 23.91 -28.99 4.38
CA ALA A 552 23.56 -29.94 3.31
C ALA A 552 22.07 -30.36 3.35
N PHE A 553 21.62 -30.86 4.50
CA PHE A 553 20.21 -31.25 4.72
C PHE A 553 19.22 -30.28 4.06
N VAL A 554 19.19 -29.03 4.51
CA VAL A 554 18.25 -28.04 3.97
C VAL A 554 18.39 -27.89 2.45
N GLU A 555 19.62 -27.90 1.94
CA GLU A 555 19.88 -27.68 0.52
C GLU A 555 19.59 -28.92 -0.35
N LYS A 556 19.72 -30.13 0.21
CA LYS A 556 19.27 -31.37 -0.47
C LYS A 556 17.76 -31.37 -0.67
N CYS A 557 17.01 -31.46 0.42
CA CYS A 557 15.55 -31.55 0.35
C CYS A 557 14.89 -30.32 -0.32
N CYS A 558 15.49 -29.13 -0.26
CA CYS A 558 14.92 -27.94 -0.93
C CYS A 558 14.97 -27.98 -2.47
N LYS A 559 15.82 -28.83 -3.04
CA LYS A 559 15.87 -29.03 -4.50
C LYS A 559 16.29 -30.45 -4.88
N ALA A 560 15.32 -31.37 -4.84
CA ALA A 560 15.51 -32.76 -5.30
C ALA A 560 14.15 -33.46 -5.54
N ASP A 561 13.34 -32.89 -6.45
CA ASP A 561 12.02 -33.45 -6.85
C ASP A 561 11.02 -33.55 -5.67
N ASP A 562 9.81 -34.08 -5.92
CA ASP A 562 8.69 -34.12 -4.93
C ASP A 562 9.12 -34.22 -3.46
N LYS A 563 9.17 -33.04 -2.79
CA LYS A 563 9.86 -32.91 -1.51
C LYS A 563 9.13 -32.38 -0.25
N GLU A 564 8.60 -33.32 0.53
CA GLU A 564 8.45 -33.19 1.99
C GLU A 564 9.01 -34.38 2.82
N THR A 565 9.38 -35.49 2.15
CA THR A 565 9.72 -36.75 2.85
C THR A 565 11.22 -36.88 3.28
N CYS A 566 12.18 -36.66 2.37
CA CYS A 566 13.59 -36.27 2.74
C CYS A 566 13.59 -35.51 4.06
N PHE A 567 12.89 -34.38 4.13
CA PHE A 567 12.77 -33.61 5.38
C PHE A 567 12.41 -34.50 6.57
N ALA A 568 11.41 -35.35 6.40
CA ALA A 568 11.07 -36.37 7.40
C ALA A 568 12.17 -37.43 7.55
N GLU A 569 12.69 -37.95 6.44
CA GLU A 569 13.53 -39.17 6.43
C GLU A 569 15.03 -38.89 6.49
N GLU A 570 15.53 -38.04 5.59
CA GLU A 570 16.89 -37.49 5.70
C GLU A 570 17.07 -36.62 6.96
N GLY A 571 15.96 -36.13 7.52
CA GLY A 571 15.96 -35.52 8.86
C GLY A 571 16.26 -36.49 10.00
N LYS A 572 15.56 -37.64 10.03
CA LYS A 572 15.82 -38.70 11.03
C LYS A 572 17.32 -39.00 11.15
N LYS A 573 17.97 -39.10 9.98
CA LYS A 573 19.41 -39.38 9.88
C LYS A 573 20.30 -38.37 10.59
N LEU A 574 20.11 -37.10 10.24
CA LEU A 574 20.90 -35.98 10.78
C LEU A 574 20.82 -35.86 12.29
N VAL A 575 19.61 -35.94 12.83
CA VAL A 575 19.38 -35.93 14.29
C VAL A 575 20.23 -37.02 14.96
N ALA A 576 20.03 -38.26 14.55
CA ALA A 576 20.78 -39.40 15.12
C ALA A 576 22.28 -39.27 14.89
N ALA A 577 22.65 -38.82 13.70
CA ALA A 577 24.06 -38.59 13.35
C ALA A 577 24.68 -37.55 14.24
N SER A 578 23.93 -36.50 14.53
CA SER A 578 24.33 -35.50 15.50
C SER A 578 24.39 -36.07 16.93
N GLN A 579 23.30 -36.71 17.38
CA GLN A 579 23.20 -37.25 18.77
C GLN A 579 24.33 -38.18 19.16
N ALA A 580 24.85 -38.92 18.18
CA ALA A 580 25.99 -39.79 18.37
C ALA A 580 27.30 -39.01 18.55
N ALA A 581 27.50 -37.99 17.71
CA ALA A 581 28.70 -37.12 17.74
C ALA A 581 28.82 -36.28 19.03
N LEU A 582 27.69 -35.83 19.59
CA LEU A 582 27.66 -34.95 20.77
C LEU A 582 27.54 -35.67 22.13
N GLY A 583 27.30 -36.97 22.13
CA GLY A 583 26.98 -37.71 23.35
C GLY A 583 28.04 -38.70 23.75
N ALA B 1 0.74 -31.49 -34.40
CA ALA B 1 -0.60 -31.00 -33.92
C ALA B 1 -1.07 -31.67 -32.62
N HIS B 2 -1.04 -33.01 -32.61
CA HIS B 2 -1.63 -33.84 -31.54
C HIS B 2 -0.65 -34.77 -30.79
N LYS B 3 0.57 -34.94 -31.29
CA LYS B 3 1.58 -35.77 -30.60
C LYS B 3 2.00 -35.08 -29.32
N SER B 4 2.84 -34.05 -29.42
CA SER B 4 3.20 -33.19 -28.28
C SER B 4 2.39 -31.88 -28.38
N GLU B 5 1.49 -31.67 -27.44
CA GLU B 5 0.60 -30.49 -27.47
C GLU B 5 1.33 -29.17 -27.12
N VAL B 6 2.29 -29.22 -26.20
CA VAL B 6 3.09 -28.02 -25.85
C VAL B 6 3.96 -27.49 -27.03
N ALA B 7 4.55 -28.40 -27.80
CA ALA B 7 5.42 -28.02 -28.93
C ALA B 7 4.61 -27.42 -30.08
N HIS B 8 3.46 -28.03 -30.38
CA HIS B 8 2.51 -27.50 -31.37
C HIS B 8 2.08 -26.09 -31.04
N ARG B 9 1.75 -25.85 -29.77
CA ARG B 9 1.44 -24.49 -29.33
C ARG B 9 2.61 -23.54 -29.52
N PHE B 10 3.77 -23.94 -29.03
CA PHE B 10 5.00 -23.12 -29.15
C PHE B 10 5.31 -22.73 -30.61
N LYS B 11 5.08 -23.67 -31.53
CA LYS B 11 5.24 -23.39 -32.96
C LYS B 11 4.16 -22.45 -33.52
N ASP B 12 2.89 -22.65 -33.15
CA ASP B 12 1.80 -21.79 -33.63
C ASP B 12 1.97 -20.38 -33.12
N LEU B 13 2.22 -20.25 -31.82
CA LEU B 13 2.17 -18.95 -31.17
C LEU B 13 3.45 -18.11 -31.34
N GLY B 14 4.60 -18.78 -31.40
CA GLY B 14 5.89 -18.12 -31.38
C GLY B 14 6.31 -17.96 -29.94
N GLU B 15 7.61 -17.91 -29.71
CA GLU B 15 8.11 -17.80 -28.34
C GLU B 15 7.46 -16.64 -27.57
N GLU B 16 7.35 -15.47 -28.20
CA GLU B 16 6.90 -14.27 -27.49
C GLU B 16 5.46 -14.38 -26.99
N ASN B 17 4.56 -14.71 -27.91
CA ASN B 17 3.17 -14.86 -27.55
C ASN B 17 2.94 -16.00 -26.55
N PHE B 18 3.75 -17.06 -26.64
CA PHE B 18 3.72 -18.21 -25.71
C PHE B 18 4.01 -17.74 -24.30
N LYS B 19 5.21 -17.18 -24.08
CA LYS B 19 5.61 -16.64 -22.76
C LYS B 19 4.52 -15.73 -22.21
N ALA B 20 4.04 -14.78 -23.01
CA ALA B 20 3.03 -13.82 -22.52
C ALA B 20 1.77 -14.52 -22.02
N LEU B 21 1.26 -15.48 -22.81
CA LEU B 21 0.05 -16.20 -22.45
C LEU B 21 0.23 -17.16 -21.26
N VAL B 22 1.43 -17.76 -21.17
CA VAL B 22 1.78 -18.61 -20.03
C VAL B 22 1.80 -17.76 -18.76
N LEU B 23 2.28 -16.52 -18.89
CA LEU B 23 2.28 -15.58 -17.78
C LEU B 23 0.86 -15.27 -17.39
N ILE B 24 0.04 -14.85 -18.37
CA ILE B 24 -1.33 -14.50 -18.07
C ILE B 24 -2.03 -15.68 -17.33
N ALA B 25 -1.80 -16.91 -17.78
CA ALA B 25 -2.51 -18.07 -17.23
C ALA B 25 -2.14 -18.38 -15.80
N PHE B 26 -0.86 -18.58 -15.49
CA PHE B 26 -0.44 -18.71 -14.10
C PHE B 26 -0.83 -17.49 -13.24
N ALA B 27 -0.86 -16.29 -13.83
CA ALA B 27 -1.27 -15.09 -13.10
C ALA B 27 -2.78 -15.10 -12.72
N GLN B 28 -3.61 -15.74 -13.53
CA GLN B 28 -5.04 -15.85 -13.22
C GLN B 28 -5.35 -16.93 -12.15
N TYR B 29 -4.52 -17.97 -12.06
CA TYR B 29 -4.75 -19.05 -11.09
C TYR B 29 -4.10 -18.72 -9.75
N LEU B 30 -2.95 -18.04 -9.80
CA LEU B 30 -2.12 -17.81 -8.61
C LEU B 30 -1.98 -16.31 -8.38
N GLN B 31 -3.02 -15.68 -7.84
CA GLN B 31 -3.14 -14.20 -7.84
C GLN B 31 -2.40 -13.44 -6.73
N GLN B 32 -2.01 -14.14 -5.66
CA GLN B 32 -1.25 -13.53 -4.57
C GLN B 32 0.25 -13.94 -4.62
N CYS B 33 0.75 -14.39 -5.77
CA CYS B 33 2.16 -14.75 -5.91
C CYS B 33 2.91 -13.59 -6.56
N PRO B 34 4.15 -13.32 -6.14
CA PRO B 34 4.88 -12.18 -6.72
C PRO B 34 5.39 -12.42 -8.14
N PHE B 35 5.33 -11.38 -9.00
CA PHE B 35 5.82 -11.41 -10.37
C PHE B 35 7.13 -12.19 -10.59
N GLU B 36 8.11 -11.93 -9.74
CA GLU B 36 9.39 -12.63 -9.76
C GLU B 36 9.23 -14.19 -9.74
N ASP B 37 8.27 -14.70 -8.95
CA ASP B 37 7.90 -16.13 -9.00
C ASP B 37 7.26 -16.58 -10.33
N HIS B 38 6.36 -15.75 -10.87
CA HIS B 38 5.71 -16.07 -12.15
C HIS B 38 6.68 -16.10 -13.34
N VAL B 39 7.63 -15.15 -13.39
CA VAL B 39 8.67 -15.12 -14.42
C VAL B 39 9.46 -16.41 -14.36
N LYS B 40 9.72 -16.91 -13.16
CA LYS B 40 10.43 -18.17 -12.96
C LYS B 40 9.67 -19.40 -13.48
N LEU B 41 8.34 -19.44 -13.29
CA LEU B 41 7.51 -20.55 -13.83
C LEU B 41 7.50 -20.55 -15.34
N VAL B 42 7.23 -19.37 -15.91
CA VAL B 42 7.25 -19.12 -17.35
C VAL B 42 8.60 -19.44 -17.98
N ASN B 43 9.71 -19.10 -17.33
CA ASN B 43 11.04 -19.48 -17.85
C ASN B 43 11.18 -21.01 -17.85
N GLU B 44 10.71 -21.68 -16.80
CA GLU B 44 10.79 -23.14 -16.74
C GLU B 44 9.88 -23.79 -17.77
N VAL B 45 8.62 -23.35 -17.79
CA VAL B 45 7.66 -23.90 -18.75
C VAL B 45 8.09 -23.59 -20.18
N THR B 46 8.72 -22.44 -20.41
CA THR B 46 9.33 -22.13 -21.73
C THR B 46 10.56 -23.00 -22.06
N GLU B 47 11.53 -23.08 -21.17
CA GLU B 47 12.69 -23.93 -21.43
C GLU B 47 12.24 -25.37 -21.66
N PHE B 48 11.19 -25.79 -20.94
CA PHE B 48 10.61 -27.12 -21.17
C PHE B 48 9.95 -27.24 -22.54
N ALA B 49 9.17 -26.24 -22.93
CA ALA B 49 8.53 -26.21 -24.27
C ALA B 49 9.51 -26.42 -25.43
N LYS B 50 10.66 -25.75 -25.38
CA LYS B 50 11.65 -25.88 -26.46
C LYS B 50 12.18 -27.30 -26.62
N THR B 51 12.34 -28.01 -25.49
CA THR B 51 12.79 -29.42 -25.49
C THR B 51 11.89 -30.28 -26.40
N CYS B 52 10.58 -30.13 -26.21
CA CYS B 52 9.55 -30.78 -27.01
C CYS B 52 9.58 -30.37 -28.48
N VAL B 53 9.81 -29.08 -28.75
CA VAL B 53 9.96 -28.56 -30.10
C VAL B 53 11.20 -29.12 -30.77
N ALA B 54 12.28 -29.28 -30.02
CA ALA B 54 13.47 -30.00 -30.51
C ALA B 54 13.13 -31.48 -30.80
N ASP B 55 12.43 -32.13 -29.88
CA ASP B 55 12.15 -33.55 -29.94
C ASP B 55 10.78 -33.84 -29.33
N GLU B 56 9.81 -34.09 -30.20
CA GLU B 56 8.40 -34.31 -29.81
C GLU B 56 8.25 -35.50 -28.86
N SER B 57 9.14 -36.49 -29.02
CA SER B 57 9.14 -37.70 -28.20
C SER B 57 9.96 -37.60 -26.91
N ALA B 58 10.58 -36.44 -26.66
CA ALA B 58 11.28 -36.17 -25.39
C ALA B 58 10.33 -36.22 -24.20
N GLU B 59 10.88 -36.58 -23.06
CA GLU B 59 10.09 -37.01 -21.89
C GLU B 59 9.07 -35.96 -21.45
N ASN B 60 7.86 -36.41 -21.12
CA ASN B 60 6.72 -35.56 -20.68
C ASN B 60 6.06 -34.66 -21.72
N CYS B 61 6.63 -34.58 -22.92
CA CYS B 61 6.14 -33.74 -24.01
C CYS B 61 4.82 -34.25 -24.57
N ASP B 62 4.66 -35.57 -24.54
CA ASP B 62 3.41 -36.22 -24.93
C ASP B 62 2.22 -36.02 -23.98
N LYS B 63 2.44 -35.41 -22.81
CA LYS B 63 1.33 -35.11 -21.92
C LYS B 63 0.45 -34.00 -22.51
N SER B 64 -0.74 -33.86 -21.94
CA SER B 64 -1.67 -32.83 -22.35
C SER B 64 -1.31 -31.52 -21.64
N LEU B 65 -1.75 -30.39 -22.21
CA LEU B 65 -1.49 -29.08 -21.63
C LEU B 65 -2.07 -29.00 -20.22
N HIS B 66 -3.36 -29.29 -20.09
CA HIS B 66 -4.01 -29.35 -18.75
C HIS B 66 -3.17 -30.06 -17.67
N THR B 67 -2.74 -31.29 -17.98
CA THR B 67 -1.87 -32.04 -17.09
C THR B 67 -0.60 -31.28 -16.75
N LEU B 68 -0.01 -30.67 -17.77
CA LEU B 68 1.28 -30.03 -17.65
C LEU B 68 1.13 -28.79 -16.79
N PHE B 69 0.20 -27.93 -17.18
CA PHE B 69 -0.23 -26.79 -16.39
C PHE B 69 -0.46 -27.17 -14.92
N GLY B 70 -1.40 -28.08 -14.67
CA GLY B 70 -1.70 -28.57 -13.33
C GLY B 70 -0.48 -29.04 -12.58
N ASP B 71 0.34 -29.89 -13.23
CA ASP B 71 1.61 -30.36 -12.65
C ASP B 71 2.46 -29.21 -12.16
N LYS B 72 2.61 -28.20 -13.01
CA LYS B 72 3.42 -27.05 -12.64
C LYS B 72 2.83 -26.38 -11.43
N LEU B 73 1.52 -26.10 -11.47
CA LEU B 73 0.79 -25.50 -10.34
C LEU B 73 1.00 -26.24 -9.03
N CYS B 74 0.94 -27.57 -9.10
CA CYS B 74 1.10 -28.39 -7.89
C CYS B 74 2.48 -28.36 -7.28
N THR B 75 3.50 -28.01 -8.08
CA THR B 75 4.86 -27.82 -7.57
C THR B 75 5.09 -26.49 -6.88
N VAL B 76 4.15 -25.54 -6.93
CA VAL B 76 4.38 -24.23 -6.28
C VAL B 76 4.48 -24.50 -4.78
N ALA B 77 5.68 -24.30 -4.24
CA ALA B 77 6.04 -24.84 -2.92
C ALA B 77 5.05 -24.44 -1.83
N THR B 78 4.66 -23.16 -1.82
CA THR B 78 3.69 -22.63 -0.85
C THR B 78 2.27 -22.65 -1.40
N LEU B 79 1.90 -23.72 -2.08
CA LEU B 79 0.58 -23.78 -2.68
C LEU B 79 -0.49 -23.86 -1.57
N ARG B 80 -0.26 -24.74 -0.58
CA ARG B 80 -1.18 -24.91 0.55
C ARG B 80 -1.29 -23.67 1.40
N GLU B 81 -0.12 -23.15 1.78
CA GLU B 81 0.00 -22.05 2.72
C GLU B 81 -0.69 -20.77 2.23
N THR B 82 -0.50 -20.44 0.94
CA THR B 82 -1.05 -19.24 0.32
C THR B 82 -2.53 -19.39 -0.08
N TYR B 83 -2.87 -20.49 -0.77
CA TYR B 83 -4.19 -20.63 -1.43
C TYR B 83 -5.19 -21.55 -0.74
N GLY B 84 -4.81 -22.08 0.43
CA GLY B 84 -5.74 -22.81 1.27
C GLY B 84 -6.18 -24.11 0.61
N GLU B 85 -7.48 -24.21 0.35
CA GLU B 85 -8.11 -25.43 -0.16
C GLU B 85 -7.89 -25.71 -1.64
N MET B 86 -7.11 -24.87 -2.31
CA MET B 86 -6.74 -25.06 -3.71
C MET B 86 -5.65 -26.15 -3.84
N ALA B 87 -4.75 -26.18 -2.87
CA ALA B 87 -3.75 -27.23 -2.77
C ALA B 87 -4.36 -28.62 -2.70
N ASP B 88 -5.55 -28.72 -2.12
CA ASP B 88 -6.30 -29.98 -2.13
C ASP B 88 -6.67 -30.44 -3.54
N CYS B 89 -6.76 -29.55 -4.53
CA CYS B 89 -6.95 -29.96 -5.94
C CYS B 89 -5.82 -30.89 -6.44
N CYS B 90 -4.60 -30.72 -5.94
CA CYS B 90 -3.49 -31.56 -6.36
C CYS B 90 -3.67 -33.06 -6.14
N ALA B 91 -4.42 -33.41 -5.10
CA ALA B 91 -4.74 -34.79 -4.77
C ALA B 91 -5.70 -35.49 -5.76
N LYS B 92 -6.28 -34.76 -6.72
CA LYS B 92 -7.16 -35.35 -7.74
C LYS B 92 -6.42 -35.60 -9.05
N GLN B 93 -6.99 -36.50 -9.89
CA GLN B 93 -6.44 -36.84 -11.21
C GLN B 93 -7.08 -35.97 -12.29
N GLU B 94 -6.40 -35.83 -13.43
CA GLU B 94 -6.49 -34.62 -14.26
C GLU B 94 -7.76 -34.34 -15.11
N PRO B 95 -8.76 -35.23 -15.10
CA PRO B 95 -10.05 -34.66 -15.51
C PRO B 95 -10.56 -33.69 -14.43
N GLU B 96 -10.59 -34.16 -13.18
CA GLU B 96 -11.21 -33.45 -12.06
C GLU B 96 -10.27 -32.37 -11.48
N ARG B 97 -8.97 -32.62 -11.52
CA ARG B 97 -7.96 -31.67 -11.02
C ARG B 97 -8.13 -30.29 -11.67
N ASN B 98 -8.15 -30.26 -13.02
CA ASN B 98 -8.35 -28.99 -13.77
C ASN B 98 -9.63 -28.29 -13.33
N GLU B 99 -10.73 -29.03 -13.38
CA GLU B 99 -12.04 -28.51 -12.98
C GLU B 99 -11.99 -27.87 -11.58
N CYS B 100 -11.29 -28.50 -10.63
CA CYS B 100 -11.09 -27.99 -9.28
C CYS B 100 -10.28 -26.69 -9.25
N PHE B 101 -9.18 -26.63 -9.98
CA PHE B 101 -8.41 -25.36 -10.08
C PHE B 101 -9.26 -24.25 -10.69
N LEU B 102 -10.12 -24.60 -11.62
CA LEU B 102 -11.05 -23.66 -12.27
C LEU B 102 -12.05 -23.03 -11.27
N GLN B 103 -12.50 -23.83 -10.30
CA GLN B 103 -13.51 -23.43 -9.29
C GLN B 103 -12.97 -22.46 -8.24
N HIS B 104 -11.66 -22.51 -8.00
CA HIS B 104 -11.00 -21.75 -6.93
C HIS B 104 -10.37 -20.43 -7.37
N LYS B 105 -10.42 -20.12 -8.66
CA LYS B 105 -10.15 -18.74 -9.12
C LYS B 105 -11.03 -17.78 -8.34
N ASP B 106 -10.45 -16.63 -7.96
CA ASP B 106 -11.15 -15.63 -7.15
C ASP B 106 -11.50 -14.38 -7.98
N ASP B 107 -12.78 -14.27 -8.36
CA ASP B 107 -13.31 -13.11 -9.10
C ASP B 107 -12.94 -11.78 -8.44
N ASN B 108 -13.04 -11.75 -7.11
CA ASN B 108 -12.77 -10.56 -6.29
C ASN B 108 -11.58 -10.84 -5.34
N PRO B 109 -10.32 -10.74 -5.85
CA PRO B 109 -9.15 -11.16 -5.04
C PRO B 109 -8.68 -10.23 -3.90
N ASN B 110 -9.24 -9.01 -3.79
CA ASN B 110 -8.85 -8.02 -2.74
C ASN B 110 -7.38 -7.64 -2.73
N LEU B 111 -6.95 -7.06 -3.84
CA LEU B 111 -5.66 -6.43 -4.00
C LEU B 111 -5.85 -4.92 -4.00
N PRO B 112 -4.80 -4.14 -3.68
CA PRO B 112 -4.94 -2.67 -3.78
C PRO B 112 -5.24 -2.27 -5.21
N ARG B 113 -5.86 -1.11 -5.43
CA ARG B 113 -6.02 -0.62 -6.80
C ARG B 113 -4.66 -0.27 -7.43
N LEU B 114 -4.50 -0.58 -8.71
CA LEU B 114 -3.30 -0.19 -9.46
C LEU B 114 -3.33 1.32 -9.66
N VAL B 115 -2.27 1.98 -9.22
CA VAL B 115 -2.10 3.41 -9.39
C VAL B 115 -1.32 3.62 -10.67
N ARG B 116 -1.87 4.41 -11.57
CA ARG B 116 -1.13 4.93 -12.72
C ARG B 116 -0.03 5.86 -12.18
N PRO B 117 1.27 5.49 -12.32
CA PRO B 117 2.33 6.41 -11.88
C PRO B 117 2.38 7.71 -12.71
N GLU B 118 3.36 8.57 -12.45
CA GLU B 118 3.48 9.83 -13.23
C GLU B 118 4.05 9.50 -14.61
N VAL B 119 3.69 10.29 -15.60
CA VAL B 119 4.07 10.02 -16.99
C VAL B 119 5.58 9.91 -17.16
N ASP B 120 6.32 10.81 -16.55
CA ASP B 120 7.79 10.76 -16.60
C ASP B 120 8.38 9.47 -15.97
N VAL B 121 7.72 8.96 -14.92
CA VAL B 121 8.13 7.70 -14.27
C VAL B 121 7.85 6.53 -15.21
N MET B 122 6.63 6.45 -15.75
CA MET B 122 6.27 5.41 -16.72
C MET B 122 7.23 5.35 -17.91
N CYS B 123 7.45 6.50 -18.56
CA CYS B 123 8.33 6.57 -19.74
C CYS B 123 9.79 6.31 -19.44
N THR B 124 10.21 6.59 -18.22
CA THR B 124 11.54 6.15 -17.78
C THR B 124 11.60 4.63 -17.50
N ALA B 125 10.64 4.07 -16.78
CA ALA B 125 10.65 2.61 -16.54
C ALA B 125 10.51 1.84 -17.86
N PHE B 126 9.62 2.31 -18.73
CA PHE B 126 9.49 1.77 -20.09
C PHE B 126 10.78 1.80 -20.89
N HIS B 127 11.56 2.88 -20.78
CA HIS B 127 12.85 2.97 -21.46
C HIS B 127 13.91 2.12 -20.76
N ASP B 128 13.92 2.11 -19.44
CA ASP B 128 14.96 1.39 -18.67
C ASP B 128 14.86 -0.13 -18.85
N ASN B 129 13.63 -0.62 -18.99
CA ASN B 129 13.38 -2.06 -19.21
C ASN B 129 11.95 -2.27 -19.72
N GLU B 130 11.79 -2.40 -21.03
CA GLU B 130 10.49 -2.46 -21.65
C GLU B 130 9.73 -3.69 -21.16
N GLU B 131 10.38 -4.85 -21.27
CA GLU B 131 9.68 -6.12 -21.02
C GLU B 131 9.33 -6.36 -19.55
N THR B 132 10.19 -5.95 -18.61
CA THR B 132 9.83 -6.00 -17.18
C THR B 132 8.65 -5.06 -16.89
N PHE B 133 8.76 -3.82 -17.34
CA PHE B 133 7.70 -2.84 -17.18
C PHE B 133 6.38 -3.32 -17.83
N LEU B 134 6.49 -4.00 -18.97
CA LEU B 134 5.30 -4.46 -19.69
C LEU B 134 4.71 -5.73 -19.06
N LYS B 135 5.55 -6.71 -18.78
CA LYS B 135 5.08 -7.99 -18.25
C LYS B 135 4.56 -7.89 -16.81
N LYS B 136 5.18 -7.03 -16.00
CA LYS B 136 4.66 -6.71 -14.67
C LYS B 136 3.25 -6.10 -14.79
N TYR B 137 3.10 -5.11 -15.69
CA TYR B 137 1.79 -4.53 -16.11
C TYR B 137 0.77 -5.62 -16.29
N LEU B 138 1.18 -6.61 -17.09
CA LEU B 138 0.31 -7.68 -17.54
C LEU B 138 0.00 -8.65 -16.39
N TYR B 139 1.01 -8.99 -15.61
CA TYR B 139 0.84 -9.80 -14.40
C TYR B 139 -0.18 -9.14 -13.49
N GLU B 140 0.11 -7.90 -13.11
CA GLU B 140 -0.75 -7.14 -12.22
C GLU B 140 -2.19 -7.12 -12.69
N ILE B 141 -2.42 -6.92 -14.00
CA ILE B 141 -3.78 -6.86 -14.58
C ILE B 141 -4.44 -8.20 -14.67
N ALA B 142 -3.69 -9.20 -15.11
CA ALA B 142 -4.18 -10.58 -15.19
C ALA B 142 -4.76 -11.08 -13.86
N ARG B 143 -3.95 -11.01 -12.79
CA ARG B 143 -4.38 -11.51 -11.47
C ARG B 143 -5.58 -10.78 -10.86
N ARG B 144 -5.84 -9.55 -11.28
CA ARG B 144 -7.07 -8.87 -10.87
C ARG B 144 -8.30 -9.20 -11.72
N HIS B 145 -8.15 -10.05 -12.75
CA HIS B 145 -9.23 -10.42 -13.69
C HIS B 145 -9.01 -11.83 -14.21
N PRO B 146 -9.19 -12.82 -13.33
CA PRO B 146 -8.86 -14.22 -13.67
C PRO B 146 -9.77 -14.91 -14.72
N TYR B 147 -10.88 -14.28 -15.08
CA TYR B 147 -11.74 -14.76 -16.16
C TYR B 147 -11.55 -13.98 -17.48
N PHE B 148 -10.82 -12.86 -17.47
CA PHE B 148 -10.51 -12.16 -18.72
C PHE B 148 -9.74 -13.07 -19.66
N TYR B 149 -10.44 -13.54 -20.69
CA TYR B 149 -9.87 -14.38 -21.75
C TYR B 149 -8.46 -13.90 -22.14
N ALA B 150 -7.47 -14.77 -21.92
CA ALA B 150 -6.05 -14.46 -22.04
C ALA B 150 -5.55 -13.78 -23.34
N PRO B 151 -5.93 -14.32 -24.52
CA PRO B 151 -5.43 -13.73 -25.79
C PRO B 151 -5.82 -12.28 -25.96
N GLU B 152 -7.04 -11.94 -25.55
CA GLU B 152 -7.53 -10.58 -25.72
C GLU B 152 -6.84 -9.61 -24.77
N LEU B 153 -6.54 -10.07 -23.56
CA LEU B 153 -5.69 -9.32 -22.62
C LEU B 153 -4.30 -9.05 -23.22
N LEU B 154 -3.77 -10.02 -23.95
CA LEU B 154 -2.51 -9.85 -24.68
C LEU B 154 -2.61 -8.87 -25.87
N PHE B 155 -3.77 -8.73 -26.50
CA PHE B 155 -3.97 -7.74 -27.56
C PHE B 155 -3.98 -6.30 -27.03
N PHE B 156 -4.51 -6.10 -25.83
CA PHE B 156 -4.47 -4.78 -25.19
C PHE B 156 -3.03 -4.40 -24.86
N ALA B 157 -2.33 -5.28 -24.13
CA ALA B 157 -0.87 -5.25 -23.91
C ALA B 157 -0.04 -4.67 -25.07
N LYS B 158 -0.21 -5.23 -26.26
CA LYS B 158 0.49 -4.71 -27.47
C LYS B 158 0.14 -3.26 -27.80
N ARG B 159 -1.10 -2.87 -27.55
CA ARG B 159 -1.55 -1.50 -27.78
C ARG B 159 -0.98 -0.51 -26.74
N TYR B 160 -0.88 -0.95 -25.48
CA TYR B 160 -0.16 -0.18 -24.46
C TYR B 160 1.29 0.02 -24.90
N LYS B 161 1.96 -1.03 -25.31
CA LYS B 161 3.33 -0.91 -25.81
C LYS B 161 3.41 0.16 -26.90
N ALA B 162 2.46 0.15 -27.83
CA ALA B 162 2.51 1.01 -29.01
C ALA B 162 2.30 2.46 -28.61
N ALA B 163 1.35 2.68 -27.71
CA ALA B 163 1.12 3.99 -27.07
C ALA B 163 2.35 4.54 -26.32
N PHE B 164 3.01 3.70 -25.54
CA PHE B 164 4.26 4.07 -24.87
C PHE B 164 5.33 4.44 -25.88
N THR B 165 5.44 3.73 -26.98
CA THR B 165 6.47 4.02 -27.98
C THR B 165 6.29 5.36 -28.69
N GLU B 166 5.05 5.67 -29.04
CA GLU B 166 4.71 6.95 -29.66
C GLU B 166 4.92 8.11 -28.67
N CYS B 167 4.32 8.01 -27.48
CA CYS B 167 4.24 9.16 -26.55
C CYS B 167 5.46 9.43 -25.64
N CYS B 168 6.35 8.46 -25.42
CA CYS B 168 7.55 8.73 -24.60
C CYS B 168 8.65 9.50 -25.35
N GLN B 169 8.54 9.53 -26.68
CA GLN B 169 9.35 10.37 -27.55
C GLN B 169 8.72 11.75 -27.91
N ALA B 170 7.58 12.11 -27.31
CA ALA B 170 6.84 13.32 -27.72
C ALA B 170 7.27 14.57 -26.97
N ALA B 171 6.95 15.73 -27.56
CA ALA B 171 7.11 17.01 -26.87
C ALA B 171 6.25 17.04 -25.61
N ASP B 172 4.95 16.83 -25.80
CA ASP B 172 3.98 16.85 -24.71
C ASP B 172 3.59 15.41 -24.42
N LYS B 173 4.38 14.75 -23.58
CA LYS B 173 4.26 13.30 -23.34
C LYS B 173 2.86 13.00 -22.83
N ALA B 174 2.52 13.57 -21.68
CA ALA B 174 1.24 13.35 -21.03
C ALA B 174 0.03 13.68 -21.91
N ALA B 175 0.12 14.74 -22.72
CA ALA B 175 -0.99 15.12 -23.62
C ALA B 175 -1.23 14.07 -24.70
N CYS B 176 -0.17 13.35 -25.07
CA CYS B 176 -0.23 12.18 -25.96
C CYS B 176 -0.63 10.91 -25.21
N LEU B 177 0.04 10.63 -24.10
CA LEU B 177 -0.06 9.32 -23.44
C LEU B 177 -1.35 9.17 -22.64
N LEU B 178 -1.67 10.16 -21.82
CA LEU B 178 -2.81 10.06 -20.90
C LEU B 178 -4.17 9.77 -21.55
N PRO B 179 -4.52 10.46 -22.66
CA PRO B 179 -5.81 10.17 -23.32
C PRO B 179 -5.92 8.74 -23.86
N LYS B 180 -4.84 8.23 -24.46
CA LYS B 180 -4.80 6.84 -24.91
C LYS B 180 -5.01 5.80 -23.78
N LEU B 181 -4.39 5.99 -22.62
CA LEU B 181 -4.56 5.07 -21.49
C LEU B 181 -5.99 5.11 -20.97
N ASP B 182 -6.59 6.31 -20.96
CA ASP B 182 -8.04 6.43 -20.67
C ASP B 182 -8.85 5.61 -21.70
N GLU B 183 -8.51 5.73 -22.98
CA GLU B 183 -9.11 4.90 -24.03
C GLU B 183 -8.92 3.39 -23.75
N LEU B 184 -7.72 2.97 -23.34
CA LEU B 184 -7.46 1.55 -23.06
C LEU B 184 -8.09 1.02 -21.76
N ARG B 185 -7.99 1.76 -20.68
CA ARG B 185 -8.75 1.46 -19.45
C ARG B 185 -10.24 1.22 -19.77
N ASP B 186 -10.82 2.11 -20.58
CA ASP B 186 -12.25 2.10 -20.89
C ASP B 186 -12.67 0.91 -21.74
N GLU B 187 -11.91 0.62 -22.80
CA GLU B 187 -12.14 -0.58 -23.61
C GLU B 187 -12.04 -1.86 -22.81
N GLY B 188 -11.10 -1.87 -21.87
CA GLY B 188 -10.92 -3.00 -20.98
C GLY B 188 -12.11 -3.29 -20.10
N LYS B 189 -12.63 -2.25 -19.44
CA LYS B 189 -13.81 -2.40 -18.58
C LYS B 189 -14.98 -2.87 -19.43
N ALA B 190 -15.15 -2.23 -20.59
CA ALA B 190 -16.16 -2.59 -21.59
C ALA B 190 -16.07 -4.03 -22.14
N SER B 191 -14.85 -4.52 -22.38
CA SER B 191 -14.63 -5.89 -22.84
C SER B 191 -14.99 -6.91 -21.76
N SER B 192 -14.54 -6.64 -20.54
CA SER B 192 -14.80 -7.51 -19.37
C SER B 192 -16.24 -7.50 -18.94
N ALA B 193 -16.84 -6.31 -18.88
CA ALA B 193 -18.28 -6.17 -18.57
C ALA B 193 -19.13 -6.91 -19.59
N LYS B 194 -18.77 -6.82 -20.86
CA LYS B 194 -19.46 -7.53 -21.94
C LYS B 194 -19.29 -9.07 -21.93
N GLN B 195 -18.15 -9.58 -21.43
CA GLN B 195 -17.97 -11.04 -21.22
C GLN B 195 -18.82 -11.52 -20.04
N ARG B 196 -18.78 -10.78 -18.93
CA ARG B 196 -19.60 -11.09 -17.77
C ARG B 196 -21.11 -11.03 -18.12
N LEU B 197 -21.48 -10.12 -19.01
CA LEU B 197 -22.88 -9.87 -19.36
C LEU B 197 -23.49 -10.99 -20.18
N LYS B 198 -22.79 -11.43 -21.23
CA LYS B 198 -23.30 -12.51 -22.11
C LYS B 198 -23.29 -13.87 -21.49
N CYS B 199 -22.45 -14.12 -20.50
CA CYS B 199 -22.50 -15.37 -19.73
C CYS B 199 -23.66 -15.38 -18.79
N ALA B 200 -23.87 -14.28 -18.08
CA ALA B 200 -24.99 -14.20 -17.12
C ALA B 200 -26.34 -14.40 -17.81
N SER B 201 -26.52 -13.80 -18.98
CA SER B 201 -27.73 -14.01 -19.78
C SER B 201 -27.84 -15.41 -20.37
N LEU B 202 -26.71 -16.02 -20.70
CA LEU B 202 -26.70 -17.43 -21.14
C LEU B 202 -27.30 -18.34 -20.06
N GLN B 203 -26.78 -18.26 -18.83
CA GLN B 203 -27.33 -19.04 -17.68
C GLN B 203 -28.72 -18.59 -17.18
N LYS B 204 -29.06 -17.30 -17.31
CA LYS B 204 -30.35 -16.76 -16.81
C LYS B 204 -31.52 -16.95 -17.78
N PHE B 205 -31.37 -16.50 -19.03
CA PHE B 205 -32.46 -16.54 -20.03
C PHE B 205 -32.43 -17.75 -20.96
N GLY B 206 -31.29 -18.45 -21.00
CA GLY B 206 -31.22 -19.72 -21.66
C GLY B 206 -30.83 -19.58 -23.11
N GLU B 207 -30.73 -20.73 -23.74
CA GLU B 207 -30.07 -20.91 -25.02
C GLU B 207 -30.90 -20.39 -26.18
N ARG B 208 -32.22 -20.49 -26.05
CA ARG B 208 -33.14 -19.94 -27.04
C ARG B 208 -32.95 -18.44 -27.22
N ALA B 209 -32.91 -17.72 -26.09
CA ALA B 209 -32.68 -16.26 -26.10
C ALA B 209 -31.28 -15.88 -26.61
N PHE B 210 -30.28 -16.71 -26.32
CA PHE B 210 -28.96 -16.48 -26.88
C PHE B 210 -28.97 -16.69 -28.39
N LYS B 211 -29.47 -17.85 -28.80
CA LYS B 211 -29.58 -18.13 -30.23
C LYS B 211 -30.28 -16.97 -30.98
N ALA B 212 -31.38 -16.46 -30.43
CA ALA B 212 -32.07 -15.31 -31.01
C ALA B 212 -31.14 -14.09 -31.24
N TRP B 213 -30.42 -13.71 -30.18
CA TRP B 213 -29.41 -12.66 -30.27
C TRP B 213 -28.42 -12.92 -31.44
N ALA B 214 -27.87 -14.12 -31.50
CA ALA B 214 -26.85 -14.46 -32.48
C ALA B 214 -27.38 -14.43 -33.88
N VAL B 215 -28.61 -14.89 -34.08
CA VAL B 215 -29.20 -14.88 -35.41
C VAL B 215 -29.19 -13.45 -35.94
N ALA B 216 -29.72 -12.54 -35.14
CA ALA B 216 -29.81 -11.15 -35.52
C ALA B 216 -28.43 -10.60 -35.83
N ARG B 217 -27.50 -10.76 -34.89
CA ARG B 217 -26.13 -10.24 -35.06
C ARG B 217 -25.38 -10.80 -36.26
N LEU B 218 -25.47 -12.11 -36.48
CA LEU B 218 -24.77 -12.69 -37.61
C LEU B 218 -25.37 -12.28 -38.93
N SER B 219 -26.69 -12.14 -38.97
CA SER B 219 -27.40 -11.74 -40.20
C SER B 219 -27.18 -10.25 -40.59
N GLN B 220 -27.05 -9.39 -39.59
CA GLN B 220 -26.51 -8.04 -39.82
C GLN B 220 -25.10 -8.07 -40.37
N ARG B 221 -24.27 -8.95 -39.84
CA ARG B 221 -22.86 -8.96 -40.23
C ARG B 221 -22.66 -9.61 -41.61
N PHE B 222 -23.31 -10.75 -41.80
CA PHE B 222 -23.17 -11.51 -43.01
C PHE B 222 -24.52 -11.59 -43.72
N PRO B 223 -25.04 -10.44 -44.22
CA PRO B 223 -26.35 -10.44 -44.90
C PRO B 223 -26.43 -11.23 -46.22
N LYS B 224 -25.30 -11.56 -46.86
CA LYS B 224 -25.26 -12.39 -48.09
C LYS B 224 -25.27 -13.89 -47.86
N ALA B 225 -25.02 -14.31 -46.62
CA ALA B 225 -25.10 -15.73 -46.29
C ALA B 225 -26.58 -16.15 -46.25
N GLU B 226 -26.83 -17.41 -46.56
CA GLU B 226 -28.19 -17.94 -46.59
C GLU B 226 -28.54 -18.34 -45.18
N PHE B 227 -29.83 -18.52 -44.89
CA PHE B 227 -30.28 -18.79 -43.52
C PHE B 227 -29.68 -20.06 -42.88
N ALA B 228 -29.57 -21.12 -43.65
CA ALA B 228 -28.95 -22.38 -43.19
C ALA B 228 -27.49 -22.18 -42.78
N GLU B 229 -26.77 -21.29 -43.47
CA GLU B 229 -25.40 -20.99 -43.06
C GLU B 229 -25.36 -20.20 -41.76
N VAL B 230 -26.17 -19.14 -41.68
CA VAL B 230 -26.30 -18.35 -40.45
C VAL B 230 -26.70 -19.24 -39.26
N SER B 231 -27.57 -20.22 -39.50
CA SER B 231 -28.02 -21.19 -38.48
C SER B 231 -26.89 -22.12 -37.96
N LYS B 232 -26.07 -22.63 -38.87
CA LYS B 232 -24.91 -23.43 -38.46
C LYS B 232 -23.96 -22.58 -37.61
N LEU B 233 -23.72 -21.35 -38.04
CA LEU B 233 -22.87 -20.43 -37.28
C LEU B 233 -23.46 -20.15 -35.92
N VAL B 234 -24.79 -20.00 -35.89
CA VAL B 234 -25.56 -19.81 -34.65
C VAL B 234 -25.33 -20.95 -33.65
N THR B 235 -25.42 -22.19 -34.11
CA THR B 235 -25.22 -23.34 -33.25
C THR B 235 -23.80 -23.38 -32.69
N ASP B 236 -22.81 -23.08 -33.52
CA ASP B 236 -21.40 -23.22 -33.12
C ASP B 236 -20.97 -22.04 -32.26
N LEU B 237 -21.44 -20.85 -32.60
CA LEU B 237 -21.15 -19.67 -31.79
C LEU B 237 -21.69 -19.87 -30.35
N THR B 238 -22.89 -20.47 -30.27
CA THR B 238 -23.58 -20.69 -28.99
C THR B 238 -22.88 -21.78 -28.19
N LYS B 239 -22.31 -22.75 -28.87
CA LYS B 239 -21.40 -23.69 -28.24
C LYS B 239 -20.18 -22.95 -27.68
N VAL B 240 -19.54 -22.12 -28.50
CA VAL B 240 -18.31 -21.38 -28.11
C VAL B 240 -18.48 -20.52 -26.85
N HIS B 241 -19.56 -19.73 -26.79
CA HIS B 241 -19.85 -18.94 -25.62
C HIS B 241 -20.11 -19.83 -24.39
N THR B 242 -20.92 -20.87 -24.54
CA THR B 242 -21.22 -21.79 -23.43
C THR B 242 -19.95 -22.33 -22.80
N GLU B 243 -19.02 -22.81 -23.63
CA GLU B 243 -17.75 -23.35 -23.12
C GLU B 243 -16.81 -22.29 -22.53
N CYS B 244 -16.76 -21.09 -23.10
CA CYS B 244 -15.87 -20.03 -22.60
C CYS B 244 -16.41 -19.45 -21.30
N CYS B 245 -17.73 -19.32 -21.19
CA CYS B 245 -18.35 -18.97 -19.90
C CYS B 245 -18.03 -19.98 -18.78
N HIS B 246 -17.89 -21.26 -19.11
CA HIS B 246 -17.38 -22.21 -18.13
C HIS B 246 -15.94 -21.80 -17.71
N GLY B 247 -15.14 -21.26 -18.64
CA GLY B 247 -13.89 -20.56 -18.26
C GLY B 247 -12.57 -21.30 -18.38
N ASP B 248 -12.54 -22.41 -19.10
CA ASP B 248 -11.30 -23.17 -19.30
C ASP B 248 -10.68 -22.55 -20.54
N LEU B 249 -9.56 -21.86 -20.36
CA LEU B 249 -8.88 -21.13 -21.45
C LEU B 249 -8.53 -21.97 -22.69
N LEU B 250 -8.04 -23.19 -22.49
CA LEU B 250 -7.63 -24.03 -23.64
C LEU B 250 -8.85 -24.48 -24.41
N GLU B 251 -9.84 -25.01 -23.68
CA GLU B 251 -11.16 -25.38 -24.19
C GLU B 251 -11.78 -24.23 -25.01
N CYS B 252 -11.80 -23.05 -24.40
CA CYS B 252 -12.31 -21.86 -25.04
C CYS B 252 -11.54 -21.48 -26.31
N ALA B 253 -10.22 -21.57 -26.24
CA ALA B 253 -9.35 -21.21 -27.36
C ALA B 253 -9.52 -22.14 -28.54
N ASP B 254 -9.70 -23.43 -28.23
CA ASP B 254 -9.86 -24.44 -29.27
C ASP B 254 -11.17 -24.28 -30.04
N ASP B 255 -12.28 -24.03 -29.35
CA ASP B 255 -13.57 -23.83 -30.00
C ASP B 255 -13.59 -22.57 -30.87
N ARG B 256 -12.99 -21.50 -30.39
CA ARG B 256 -12.89 -20.28 -31.17
C ARG B 256 -12.02 -20.52 -32.40
N ALA B 257 -10.90 -21.21 -32.25
CA ALA B 257 -10.06 -21.57 -33.38
C ALA B 257 -10.84 -22.38 -34.40
N ASP B 258 -11.65 -23.32 -33.92
CA ASP B 258 -12.40 -24.22 -34.82
C ASP B 258 -13.42 -23.46 -35.65
N LEU B 259 -14.10 -22.51 -35.00
CA LEU B 259 -15.10 -21.69 -35.67
C LEU B 259 -14.46 -20.74 -36.69
N ALA B 260 -13.34 -20.13 -36.31
CA ALA B 260 -12.55 -19.24 -37.16
C ALA B 260 -12.01 -19.99 -38.36
N LYS B 261 -11.50 -21.20 -38.12
CA LYS B 261 -11.09 -22.09 -39.20
C LYS B 261 -12.24 -22.40 -40.17
N TYR B 262 -13.39 -22.83 -39.64
CA TYR B 262 -14.54 -23.11 -40.51
C TYR B 262 -14.96 -21.85 -41.28
N ILE B 263 -15.09 -20.72 -40.59
CA ILE B 263 -15.44 -19.46 -41.28
C ILE B 263 -14.47 -19.13 -42.42
N CYS B 264 -13.17 -19.37 -42.21
CA CYS B 264 -12.17 -19.02 -43.22
C CYS B 264 -12.18 -19.93 -44.46
N GLU B 265 -12.51 -21.21 -44.31
CA GLU B 265 -12.73 -22.10 -45.48
C GLU B 265 -14.07 -21.95 -46.18
N ASN B 266 -14.96 -21.11 -45.68
CA ASN B 266 -16.31 -20.94 -46.23
C ASN B 266 -16.70 -19.50 -46.53
N GLN B 267 -15.73 -18.59 -46.42
CA GLN B 267 -15.91 -17.14 -46.67
C GLN B 267 -16.87 -16.82 -47.81
N ASP B 268 -16.70 -17.53 -48.92
CA ASP B 268 -17.56 -17.36 -50.08
C ASP B 268 -19.07 -17.58 -49.80
N SER B 269 -19.39 -18.45 -48.86
CA SER B 269 -20.76 -18.57 -48.35
C SER B 269 -21.14 -17.59 -47.22
N ILE B 270 -20.14 -16.94 -46.61
CA ILE B 270 -20.36 -16.07 -45.43
C ILE B 270 -20.21 -14.56 -45.74
N SER B 271 -19.00 -14.09 -46.00
CA SER B 271 -18.73 -12.66 -46.27
C SER B 271 -17.56 -12.47 -47.26
N SER B 272 -17.45 -11.26 -47.79
CA SER B 272 -16.33 -10.82 -48.62
C SER B 272 -15.32 -9.95 -47.86
N LYS B 273 -15.51 -9.75 -46.56
CA LYS B 273 -14.68 -8.81 -45.76
C LYS B 273 -13.62 -9.49 -44.89
N LEU B 274 -13.58 -10.83 -44.93
CA LEU B 274 -12.72 -11.64 -44.06
C LEU B 274 -11.40 -12.14 -44.68
N LYS B 275 -11.05 -11.63 -45.88
CA LYS B 275 -9.84 -12.09 -46.58
C LYS B 275 -8.64 -11.87 -45.70
N GLU B 276 -8.46 -10.63 -45.24
CA GLU B 276 -7.35 -10.22 -44.36
C GLU B 276 -7.30 -10.98 -43.01
N CYS B 277 -8.44 -11.11 -42.34
CA CYS B 277 -8.52 -11.78 -41.02
C CYS B 277 -8.09 -13.23 -41.08
N CYS B 278 -8.38 -13.86 -42.22
CA CYS B 278 -8.17 -15.29 -42.45
C CYS B 278 -6.76 -15.63 -42.92
N GLU B 279 -5.99 -14.60 -43.28
CA GLU B 279 -4.57 -14.76 -43.62
C GLU B 279 -3.65 -14.41 -42.44
N LYS B 280 -4.25 -13.95 -41.33
CA LYS B 280 -3.57 -13.70 -40.05
C LYS B 280 -3.29 -14.99 -39.24
N PRO B 281 -2.34 -14.91 -38.28
CA PRO B 281 -2.04 -16.09 -37.42
C PRO B 281 -3.22 -16.60 -36.55
N LEU B 282 -2.98 -17.70 -35.85
CA LEU B 282 -4.06 -18.41 -35.13
C LEU B 282 -4.59 -17.60 -33.95
N LEU B 283 -3.68 -16.99 -33.19
CA LEU B 283 -4.01 -16.13 -32.05
C LEU B 283 -5.05 -15.05 -32.40
N GLU B 284 -4.79 -14.36 -33.52
CA GLU B 284 -5.54 -13.15 -33.93
C GLU B 284 -6.79 -13.42 -34.79
N LYS B 285 -6.87 -14.59 -35.44
CA LYS B 285 -7.96 -14.94 -36.37
C LYS B 285 -9.36 -14.60 -35.86
N SER B 286 -9.83 -15.29 -34.81
CA SER B 286 -11.20 -15.15 -34.35
C SER B 286 -11.51 -13.76 -33.82
N HIS B 287 -10.53 -13.15 -33.19
CA HIS B 287 -10.67 -11.82 -32.69
C HIS B 287 -10.93 -10.87 -33.88
N CYS B 288 -10.07 -10.94 -34.90
CA CYS B 288 -10.26 -10.15 -36.12
C CYS B 288 -11.66 -10.37 -36.74
N ILE B 289 -12.09 -11.63 -36.85
CA ILE B 289 -13.41 -11.95 -37.43
C ILE B 289 -14.54 -11.43 -36.54
N ALA B 290 -14.36 -11.47 -35.21
CA ALA B 290 -15.35 -10.94 -34.28
C ALA B 290 -15.55 -9.44 -34.47
N GLU B 291 -14.51 -8.73 -34.90
CA GLU B 291 -14.54 -7.26 -35.06
C GLU B 291 -14.64 -6.75 -36.51
N VAL B 292 -14.78 -7.66 -37.47
CA VAL B 292 -14.99 -7.26 -38.88
C VAL B 292 -16.28 -6.45 -39.02
N GLU B 293 -16.24 -5.45 -39.89
CA GLU B 293 -17.44 -4.69 -40.26
C GLU B 293 -18.49 -5.53 -40.99
N ASN B 294 -19.74 -5.06 -40.90
CA ASN B 294 -20.86 -5.69 -41.61
C ASN B 294 -20.57 -5.75 -43.12
N ASP B 295 -20.95 -6.86 -43.77
CA ASP B 295 -20.86 -6.94 -45.23
C ASP B 295 -21.94 -6.03 -45.83
N GLU B 296 -21.74 -5.65 -47.10
CA GLU B 296 -22.70 -4.82 -47.87
C GLU B 296 -23.95 -5.66 -48.15
N MET B 297 -25.11 -5.06 -47.94
CA MET B 297 -26.41 -5.70 -48.10
C MET B 297 -26.59 -6.11 -49.56
N PRO B 298 -27.13 -7.32 -49.84
CA PRO B 298 -27.34 -7.67 -51.25
C PRO B 298 -28.33 -6.70 -51.91
N ALA B 299 -28.21 -6.56 -53.23
CA ALA B 299 -28.99 -5.56 -53.97
C ALA B 299 -30.48 -5.87 -53.93
N ASP B 300 -31.28 -4.81 -53.85
CA ASP B 300 -32.73 -4.87 -54.00
C ASP B 300 -33.32 -6.14 -53.38
N LEU B 301 -33.16 -6.31 -52.07
CA LEU B 301 -33.89 -7.37 -51.36
C LEU B 301 -35.39 -7.01 -51.35
N PRO B 302 -36.27 -7.99 -51.60
CA PRO B 302 -37.71 -7.73 -51.60
C PRO B 302 -38.30 -7.50 -50.20
N SER B 303 -39.55 -7.03 -50.19
CA SER B 303 -40.31 -6.86 -48.97
C SER B 303 -40.40 -8.17 -48.19
N LEU B 304 -40.32 -8.08 -46.87
CA LEU B 304 -40.68 -9.21 -45.98
C LEU B 304 -42.17 -9.56 -46.02
N ALA B 305 -43.00 -8.76 -46.70
CA ALA B 305 -44.45 -9.02 -46.77
C ALA B 305 -44.87 -10.33 -47.49
N ALA B 306 -44.08 -10.81 -48.44
CA ALA B 306 -44.44 -12.03 -49.16
C ALA B 306 -44.53 -13.23 -48.23
N ASP B 307 -43.41 -13.64 -47.66
CA ASP B 307 -43.34 -14.87 -46.85
C ASP B 307 -43.98 -14.75 -45.46
N PHE B 308 -44.07 -13.53 -44.93
CA PHE B 308 -44.37 -13.34 -43.52
C PHE B 308 -45.71 -12.70 -43.15
N VAL B 309 -46.43 -12.19 -44.13
CA VAL B 309 -47.79 -11.64 -43.96
C VAL B 309 -48.76 -12.19 -45.02
N GLU B 310 -48.40 -12.00 -46.28
CA GLU B 310 -49.30 -12.28 -47.39
C GLU B 310 -49.48 -13.77 -47.69
N SER B 311 -48.39 -14.52 -47.69
CA SER B 311 -48.38 -15.97 -47.94
C SER B 311 -49.45 -16.72 -47.13
N LYS B 312 -50.12 -17.68 -47.79
CA LYS B 312 -51.11 -18.56 -47.13
C LYS B 312 -50.48 -19.64 -46.25
N ASP B 313 -49.15 -19.79 -46.32
CA ASP B 313 -48.40 -20.75 -45.51
C ASP B 313 -47.78 -20.18 -44.24
N VAL B 314 -48.21 -18.99 -43.79
CA VAL B 314 -47.68 -18.46 -42.52
C VAL B 314 -47.93 -19.45 -41.36
N CYS B 315 -49.19 -19.72 -41.06
CA CYS B 315 -49.54 -20.46 -39.84
C CYS B 315 -49.09 -21.91 -39.90
N LYS B 316 -49.08 -22.47 -41.09
CA LYS B 316 -48.55 -23.80 -41.31
C LYS B 316 -47.01 -23.87 -41.09
N ASN B 317 -46.27 -23.02 -41.80
CA ASN B 317 -44.78 -23.00 -41.72
C ASN B 317 -44.34 -22.64 -40.30
N TYR B 318 -45.06 -21.71 -39.67
CA TYR B 318 -44.86 -21.44 -38.24
C TYR B 318 -45.13 -22.68 -37.33
N ALA B 319 -46.28 -23.34 -37.46
CA ALA B 319 -46.68 -24.42 -36.53
C ALA B 319 -45.77 -25.66 -36.58
N GLU B 320 -45.14 -25.93 -37.74
CA GLU B 320 -44.26 -27.09 -37.88
C GLU B 320 -42.83 -26.84 -37.39
N ALA B 321 -42.47 -25.57 -37.16
CA ALA B 321 -41.15 -25.22 -36.64
C ALA B 321 -41.13 -23.76 -36.18
N LYS B 322 -41.74 -23.51 -35.02
CA LYS B 322 -41.95 -22.15 -34.58
C LYS B 322 -40.66 -21.39 -34.50
N ASP B 323 -39.68 -21.95 -33.80
CA ASP B 323 -38.39 -21.28 -33.62
C ASP B 323 -37.60 -21.02 -34.92
N VAL B 324 -37.63 -21.95 -35.85
CA VAL B 324 -36.94 -21.79 -37.14
C VAL B 324 -37.64 -20.70 -37.98
N PHE B 325 -38.96 -20.76 -38.06
CA PHE B 325 -39.73 -19.75 -38.77
C PHE B 325 -39.45 -18.35 -38.23
N LEU B 326 -39.38 -18.19 -36.89
CA LEU B 326 -39.05 -16.89 -36.26
C LEU B 326 -37.60 -16.54 -36.46
N GLY B 327 -36.74 -17.56 -36.44
CA GLY B 327 -35.33 -17.40 -36.81
C GLY B 327 -35.18 -16.84 -38.21
N MET B 328 -35.95 -17.38 -39.14
CA MET B 328 -35.96 -16.89 -40.53
C MET B 328 -36.51 -15.46 -40.67
N PHE B 329 -37.53 -15.12 -39.90
CA PHE B 329 -38.07 -13.75 -39.84
C PHE B 329 -37.01 -12.78 -39.34
N LEU B 330 -36.34 -13.16 -38.25
CA LEU B 330 -35.26 -12.38 -37.64
C LEU B 330 -34.05 -12.19 -38.60
N TYR B 331 -33.58 -13.28 -39.19
CA TYR B 331 -32.62 -13.27 -40.31
C TYR B 331 -32.92 -12.24 -41.41
N GLU B 332 -34.13 -12.34 -41.97
CA GLU B 332 -34.52 -11.52 -43.08
C GLU B 332 -34.60 -10.08 -42.63
N TYR B 333 -35.11 -9.83 -41.40
CA TYR B 333 -35.25 -8.44 -40.91
C TYR B 333 -33.85 -7.89 -40.64
N ALA B 334 -33.07 -8.61 -39.84
CA ALA B 334 -31.74 -8.19 -39.48
C ALA B 334 -30.86 -7.87 -40.70
N ARG B 335 -30.79 -8.75 -41.69
CA ARG B 335 -29.85 -8.52 -42.80
C ARG B 335 -30.14 -7.25 -43.58
N ARG B 336 -31.42 -6.87 -43.63
CA ARG B 336 -31.87 -5.63 -44.23
C ARG B 336 -31.66 -4.42 -43.34
N HIS B 337 -31.27 -4.64 -42.08
CA HIS B 337 -31.19 -3.59 -41.06
C HIS B 337 -29.96 -3.66 -40.15
N PRO B 338 -28.73 -3.43 -40.70
CA PRO B 338 -27.54 -3.15 -39.87
C PRO B 338 -27.61 -1.82 -39.09
N ASP B 339 -28.67 -1.04 -39.35
CA ASP B 339 -28.92 0.19 -38.62
C ASP B 339 -29.74 -0.03 -37.37
N TYR B 340 -30.23 -1.24 -37.12
CA TYR B 340 -30.96 -1.49 -35.89
C TYR B 340 -30.08 -2.11 -34.82
N SER B 341 -30.46 -1.81 -33.59
CA SER B 341 -29.89 -2.47 -32.45
C SER B 341 -30.33 -3.92 -32.52
N VAL B 342 -29.50 -4.82 -32.03
CA VAL B 342 -29.89 -6.24 -31.93
C VAL B 342 -31.20 -6.35 -31.16
N VAL B 343 -31.26 -5.71 -30.02
CA VAL B 343 -32.42 -5.86 -29.16
C VAL B 343 -33.71 -5.28 -29.75
N LEU B 344 -33.59 -4.31 -30.67
CA LEU B 344 -34.74 -3.77 -31.38
C LEU B 344 -35.32 -4.83 -32.28
N LEU B 345 -34.44 -5.49 -33.02
CA LEU B 345 -34.83 -6.61 -33.89
C LEU B 345 -35.49 -7.72 -33.09
N LEU B 346 -34.95 -8.05 -31.92
CA LEU B 346 -35.60 -9.03 -31.04
C LEU B 346 -36.96 -8.61 -30.47
N ARG B 347 -37.17 -7.31 -30.24
CA ARG B 347 -38.51 -6.80 -29.92
C ARG B 347 -39.48 -7.09 -31.03
N LEU B 348 -39.01 -6.91 -32.27
CA LEU B 348 -39.84 -7.07 -33.47
C LEU B 348 -40.24 -8.51 -33.70
N ALA B 349 -39.27 -9.41 -33.66
CA ALA B 349 -39.51 -10.85 -33.60
C ALA B 349 -40.52 -11.26 -32.52
N LYS B 350 -40.33 -10.77 -31.29
CA LYS B 350 -41.25 -11.03 -30.17
C LYS B 350 -42.64 -10.54 -30.49
N THR B 351 -42.75 -9.32 -31.02
CA THR B 351 -44.04 -8.78 -31.42
C THR B 351 -44.68 -9.67 -32.50
N TYR B 352 -43.87 -10.13 -33.46
CA TYR B 352 -44.33 -11.07 -34.49
C TYR B 352 -44.78 -12.38 -33.85
N GLU B 353 -43.89 -13.06 -33.12
CA GLU B 353 -44.24 -14.23 -32.29
C GLU B 353 -45.54 -14.10 -31.49
N THR B 354 -45.68 -13.03 -30.72
CA THR B 354 -46.93 -12.80 -30.00
C THR B 354 -48.14 -12.79 -30.95
N THR B 355 -48.02 -12.15 -32.10
CA THR B 355 -49.13 -11.97 -33.04
C THR B 355 -49.48 -13.29 -33.77
N LEU B 356 -48.49 -14.15 -34.03
CA LEU B 356 -48.77 -15.46 -34.64
C LEU B 356 -49.42 -16.41 -33.65
N GLU B 357 -49.03 -16.38 -32.37
CA GLU B 357 -49.72 -17.20 -31.36
C GLU B 357 -51.18 -16.86 -31.20
N LYS B 358 -51.51 -15.59 -31.39
CA LYS B 358 -52.85 -15.10 -31.15
C LYS B 358 -53.65 -15.32 -32.42
N CYS B 359 -53.15 -14.82 -33.54
CA CYS B 359 -53.88 -14.86 -34.80
C CYS B 359 -54.04 -16.24 -35.43
N CYS B 360 -53.03 -17.10 -35.33
CA CYS B 360 -53.13 -18.44 -35.94
C CYS B 360 -54.22 -19.30 -35.31
N ALA B 361 -54.58 -19.01 -34.05
CA ALA B 361 -55.73 -19.62 -33.36
C ALA B 361 -57.07 -19.23 -34.01
N ALA B 362 -57.19 -17.98 -34.48
CA ALA B 362 -58.44 -17.47 -35.04
C ALA B 362 -58.91 -18.19 -36.30
N ALA B 363 -60.17 -17.96 -36.65
CA ALA B 363 -60.78 -18.41 -37.92
C ALA B 363 -60.10 -17.83 -39.17
N ASP B 364 -59.80 -16.52 -39.15
CA ASP B 364 -59.11 -15.83 -40.24
C ASP B 364 -57.82 -15.22 -39.67
N PRO B 365 -56.71 -16.01 -39.67
CA PRO B 365 -55.42 -15.49 -39.22
C PRO B 365 -54.90 -14.33 -40.06
N HIS B 366 -55.07 -14.41 -41.38
CA HIS B 366 -54.59 -13.35 -42.29
C HIS B 366 -55.19 -11.97 -41.93
N GLU B 367 -56.51 -11.89 -41.73
CA GLU B 367 -57.15 -10.62 -41.30
C GLU B 367 -56.50 -10.10 -40.01
N CYS B 368 -56.25 -11.04 -39.09
CA CYS B 368 -55.76 -10.76 -37.75
C CYS B 368 -54.30 -10.28 -37.69
N TYR B 369 -53.40 -10.86 -38.48
CA TYR B 369 -51.98 -10.40 -38.51
C TYR B 369 -51.62 -9.47 -39.69
N ALA B 370 -52.57 -9.21 -40.59
CA ALA B 370 -52.35 -8.28 -41.71
C ALA B 370 -51.70 -6.94 -41.30
N LYS B 371 -51.94 -6.48 -40.08
CA LYS B 371 -51.49 -5.17 -39.61
C LYS B 371 -50.18 -5.25 -38.82
N VAL B 372 -49.53 -6.41 -38.76
CA VAL B 372 -48.42 -6.61 -37.81
C VAL B 372 -47.25 -5.68 -38.09
N PHE B 373 -46.95 -5.41 -39.34
CA PHE B 373 -45.90 -4.44 -39.67
C PHE B 373 -46.13 -3.01 -39.14
N ASP B 374 -47.40 -2.62 -38.97
CA ASP B 374 -47.75 -1.35 -38.32
C ASP B 374 -47.31 -1.35 -36.87
N GLU B 375 -47.45 -2.49 -36.18
CA GLU B 375 -46.97 -2.62 -34.78
C GLU B 375 -45.46 -2.37 -34.64
N PHE B 376 -44.67 -2.77 -35.65
CA PHE B 376 -43.20 -2.58 -35.61
C PHE B 376 -42.79 -1.11 -35.68
N LYS B 377 -43.60 -0.30 -36.36
CA LYS B 377 -43.30 1.11 -36.57
C LYS B 377 -43.03 1.93 -35.29
N PRO B 378 -43.92 1.88 -34.26
CA PRO B 378 -43.61 2.60 -33.02
C PRO B 378 -42.36 2.10 -32.26
N LEU B 379 -42.11 0.79 -32.32
CA LEU B 379 -40.96 0.17 -31.65
C LEU B 379 -39.65 0.61 -32.28
N VAL B 380 -39.64 0.76 -33.61
CA VAL B 380 -38.48 1.29 -34.33
C VAL B 380 -38.22 2.77 -33.99
N GLU B 381 -39.26 3.59 -33.96
CA GLU B 381 -39.13 5.04 -33.72
C GLU B 381 -38.80 5.46 -32.30
N GLU B 382 -39.21 4.66 -31.32
CA GLU B 382 -38.93 4.98 -29.93
C GLU B 382 -37.42 5.16 -29.65
N PRO B 383 -36.57 4.20 -30.05
CA PRO B 383 -35.13 4.42 -29.87
C PRO B 383 -34.50 5.41 -30.86
N GLN B 384 -35.02 5.50 -32.10
CA GLN B 384 -34.54 6.50 -33.08
C GLN B 384 -34.79 7.94 -32.61
N ASN B 385 -36.01 8.22 -32.10
CA ASN B 385 -36.33 9.56 -31.58
C ASN B 385 -35.50 9.89 -30.34
N LEU B 386 -35.24 8.91 -29.49
CA LEU B 386 -34.46 9.14 -28.28
C LEU B 386 -32.98 9.41 -28.60
N ILE B 387 -32.42 8.72 -29.61
CA ILE B 387 -31.06 9.07 -30.09
C ILE B 387 -31.01 10.46 -30.77
N LYS B 388 -32.09 10.86 -31.46
CA LYS B 388 -32.14 12.20 -32.07
C LYS B 388 -32.08 13.27 -30.99
N GLN B 389 -33.03 13.22 -30.06
CA GLN B 389 -33.14 14.22 -28.99
C GLN B 389 -31.89 14.33 -28.11
N ASN B 390 -31.29 13.19 -27.76
CA ASN B 390 -30.07 13.18 -26.96
C ASN B 390 -28.83 13.65 -27.72
N CYS B 391 -28.66 13.25 -28.97
CA CYS B 391 -27.54 13.79 -29.76
C CYS B 391 -27.74 15.25 -30.16
N GLU B 392 -28.99 15.68 -30.41
CA GLU B 392 -29.30 17.12 -30.54
C GLU B 392 -28.89 17.93 -29.29
N LEU B 393 -29.31 17.45 -28.13
CA LEU B 393 -28.97 18.03 -26.82
C LEU B 393 -27.44 18.12 -26.63
N PHE B 394 -26.72 17.02 -26.87
CA PHE B 394 -25.25 17.00 -26.76
C PHE B 394 -24.52 18.02 -27.66
N GLU B 395 -24.95 18.17 -28.91
CA GLU B 395 -24.35 19.18 -29.83
C GLU B 395 -24.54 20.61 -29.32
N GLN B 396 -25.70 20.90 -28.75
CA GLN B 396 -26.00 22.24 -28.24
C GLN B 396 -25.49 22.54 -26.81
N LEU B 397 -24.89 21.54 -26.14
CA LEU B 397 -24.36 21.67 -24.77
C LEU B 397 -22.84 21.42 -24.64
N GLY B 398 -22.23 20.69 -25.58
CA GLY B 398 -20.92 20.14 -25.35
C GLY B 398 -20.97 19.05 -24.29
N GLU B 399 -19.91 18.28 -24.17
CA GLU B 399 -19.93 17.09 -23.33
C GLU B 399 -20.21 17.39 -21.86
N TYR B 400 -19.62 18.47 -21.36
CA TYR B 400 -19.59 18.78 -19.93
C TYR B 400 -20.95 19.16 -19.40
N LYS B 401 -21.59 20.12 -20.06
CA LYS B 401 -22.95 20.58 -19.67
C LYS B 401 -24.05 19.57 -20.04
N PHE B 402 -23.84 18.79 -21.09
CA PHE B 402 -24.66 17.59 -21.34
C PHE B 402 -24.57 16.63 -20.16
N GLN B 403 -23.36 16.33 -19.71
CA GLN B 403 -23.19 15.39 -18.59
C GLN B 403 -23.99 15.84 -17.37
N ASN B 404 -24.05 17.15 -17.17
CA ASN B 404 -24.81 17.75 -16.09
C ASN B 404 -26.30 17.71 -16.28
N ALA B 405 -26.76 17.92 -17.52
CA ALA B 405 -28.21 17.78 -17.87
C ALA B 405 -28.68 16.38 -17.44
N LEU B 406 -27.83 15.40 -17.74
CA LEU B 406 -28.04 14.01 -17.35
C LEU B 406 -28.04 13.82 -15.84
N LEU B 407 -27.12 14.49 -15.17
CA LEU B 407 -26.98 14.39 -13.73
C LEU B 407 -28.22 14.93 -13.01
N VAL B 408 -28.78 16.01 -13.55
CA VAL B 408 -30.04 16.54 -13.02
C VAL B 408 -31.16 15.51 -13.26
N ARG B 409 -31.22 15.03 -14.49
CA ARG B 409 -32.26 14.09 -14.91
C ARG B 409 -32.37 12.79 -14.05
N TYR B 410 -31.24 12.12 -13.80
CA TYR B 410 -31.23 10.81 -13.16
C TYR B 410 -31.23 10.86 -11.65
N THR B 411 -30.69 11.94 -11.08
CA THR B 411 -30.88 12.24 -9.67
C THR B 411 -32.37 12.44 -9.33
N LYS B 412 -33.11 13.19 -10.14
CA LYS B 412 -34.57 13.29 -9.92
C LYS B 412 -35.30 11.95 -10.12
N LYS B 413 -34.89 11.16 -11.10
CA LYS B 413 -35.51 9.86 -11.36
C LYS B 413 -35.25 8.82 -10.26
N VAL B 414 -34.03 8.82 -9.70
CA VAL B 414 -33.59 7.82 -8.72
C VAL B 414 -32.69 8.50 -7.65
N PRO B 415 -33.31 9.35 -6.79
CA PRO B 415 -32.53 10.17 -5.85
C PRO B 415 -31.75 9.38 -4.82
N GLN B 416 -32.16 8.12 -4.58
CA GLN B 416 -31.64 7.32 -3.49
C GLN B 416 -30.33 6.59 -3.84
N VAL B 417 -29.88 6.69 -5.10
CA VAL B 417 -28.51 6.27 -5.49
C VAL B 417 -27.50 7.27 -4.89
N SER B 418 -26.33 6.74 -4.53
CA SER B 418 -25.26 7.56 -3.92
C SER B 418 -24.68 8.49 -4.96
N THR B 419 -24.15 9.59 -4.48
CA THR B 419 -23.66 10.62 -5.37
C THR B 419 -22.56 10.14 -6.34
N PRO B 420 -21.49 9.48 -5.82
CA PRO B 420 -20.45 9.04 -6.75
C PRO B 420 -20.94 8.18 -7.90
N THR B 421 -21.94 7.33 -7.67
CA THR B 421 -22.52 6.51 -8.75
C THR B 421 -23.35 7.30 -9.78
N LEU B 422 -24.05 8.35 -9.35
CA LEU B 422 -24.75 9.23 -10.31
C LEU B 422 -23.74 10.00 -11.16
N VAL B 423 -22.73 10.59 -10.48
CA VAL B 423 -21.65 11.32 -11.15
C VAL B 423 -20.94 10.40 -12.13
N GLU B 424 -20.69 9.15 -11.74
CA GLU B 424 -19.98 8.24 -12.62
C GLU B 424 -20.85 7.90 -13.83
N VAL B 425 -22.06 7.42 -13.60
CA VAL B 425 -22.97 7.02 -14.71
C VAL B 425 -23.31 8.20 -15.62
N SER B 426 -23.36 9.41 -15.07
CA SER B 426 -23.68 10.59 -15.84
C SER B 426 -22.51 10.99 -16.70
N ARG B 427 -21.33 10.94 -16.11
CA ARG B 427 -20.12 11.21 -16.86
C ARG B 427 -19.89 10.15 -17.95
N ASN B 428 -20.09 8.88 -17.61
CA ASN B 428 -19.96 7.77 -18.57
C ASN B 428 -20.98 7.85 -19.71
N LEU B 429 -22.22 8.24 -19.43
CA LEU B 429 -23.23 8.42 -20.50
C LEU B 429 -22.87 9.56 -21.46
N GLY B 430 -22.24 10.61 -20.95
CA GLY B 430 -21.72 11.68 -21.78
C GLY B 430 -20.70 11.18 -22.79
N LYS B 431 -19.79 10.33 -22.33
CA LYS B 431 -18.76 9.75 -23.19
C LYS B 431 -19.41 8.95 -24.30
N VAL B 432 -20.47 8.21 -23.94
CA VAL B 432 -21.28 7.48 -24.92
C VAL B 432 -21.88 8.44 -25.93
N GLY B 433 -22.47 9.55 -25.47
CA GLY B 433 -22.96 10.57 -26.39
C GLY B 433 -21.88 11.05 -27.34
N SER B 434 -20.74 11.40 -26.78
CA SER B 434 -19.60 11.91 -27.51
C SER B 434 -19.12 10.95 -28.61
N LYS B 435 -19.10 9.65 -28.34
CA LYS B 435 -18.77 8.68 -29.39
C LYS B 435 -19.90 8.46 -30.41
N CYS B 436 -21.06 7.98 -29.97
CA CYS B 436 -22.11 7.51 -30.90
C CYS B 436 -22.79 8.62 -31.70
N CYS B 437 -22.79 9.84 -31.18
CA CYS B 437 -23.29 10.98 -31.93
C CYS B 437 -22.38 11.44 -33.10
N LYS B 438 -21.13 10.97 -33.14
CA LYS B 438 -20.28 11.14 -34.33
C LYS B 438 -20.59 10.18 -35.49
N HIS B 439 -21.41 9.16 -35.25
CA HIS B 439 -21.90 8.33 -36.37
C HIS B 439 -23.09 9.06 -37.03
N PRO B 440 -23.38 8.74 -38.32
CA PRO B 440 -24.64 9.21 -38.90
C PRO B 440 -25.78 8.34 -38.36
N GLU B 441 -27.01 8.72 -38.64
CA GLU B 441 -28.21 7.98 -38.15
C GLU B 441 -28.18 6.45 -38.40
N ALA B 442 -27.64 6.05 -39.55
CA ALA B 442 -27.61 4.65 -39.95
C ALA B 442 -26.77 3.77 -39.04
N LYS B 443 -25.82 4.33 -38.29
CA LYS B 443 -24.99 3.51 -37.38
C LYS B 443 -25.07 3.91 -35.91
N ARG B 444 -25.94 4.87 -35.57
CA ARG B 444 -26.05 5.42 -34.22
C ARG B 444 -26.62 4.42 -33.18
N MET B 445 -27.60 3.62 -33.59
CA MET B 445 -28.31 2.70 -32.69
C MET B 445 -27.47 1.47 -32.27
N PRO B 446 -26.73 0.85 -33.20
CA PRO B 446 -25.83 -0.23 -32.76
C PRO B 446 -24.70 0.25 -31.84
N CYS B 447 -24.24 1.48 -32.05
CA CYS B 447 -23.21 2.08 -31.20
C CYS B 447 -23.66 2.23 -29.75
N ALA B 448 -24.79 2.90 -29.55
CA ALA B 448 -25.32 3.12 -28.21
C ALA B 448 -25.63 1.79 -27.54
N GLU B 449 -26.31 0.90 -28.24
CA GLU B 449 -26.60 -0.44 -27.71
C GLU B 449 -25.39 -1.10 -27.07
N ASP B 450 -24.22 -0.98 -27.70
CA ASP B 450 -23.01 -1.62 -27.22
C ASP B 450 -22.41 -0.91 -26.00
N TYR B 451 -22.33 0.41 -26.04
CA TYR B 451 -21.86 1.18 -24.89
C TYR B 451 -22.84 1.25 -23.73
N LEU B 452 -24.15 1.27 -24.03
CA LEU B 452 -25.16 1.35 -22.97
C LEU B 452 -25.22 0.04 -22.22
N SER B 453 -25.12 -1.09 -22.93
CA SER B 453 -25.13 -2.43 -22.30
C SER B 453 -23.98 -2.58 -21.32
N VAL B 454 -22.86 -1.96 -21.65
CA VAL B 454 -21.71 -1.83 -20.74
C VAL B 454 -22.14 -1.03 -19.51
N VAL B 455 -22.59 0.19 -19.75
CA VAL B 455 -22.88 1.10 -18.68
C VAL B 455 -23.99 0.56 -17.76
N LEU B 456 -24.98 -0.13 -18.33
CA LEU B 456 -26.13 -0.59 -17.57
C LEU B 456 -25.77 -1.81 -16.74
N ASN B 457 -24.70 -2.51 -17.12
CA ASN B 457 -24.16 -3.57 -16.29
C ASN B 457 -23.39 -3.00 -15.13
N GLN B 458 -22.40 -2.14 -15.40
CA GLN B 458 -21.64 -1.43 -14.33
C GLN B 458 -22.61 -0.95 -13.24
N LEU B 459 -23.72 -0.39 -13.70
CA LEU B 459 -24.84 0.02 -12.86
C LEU B 459 -25.59 -1.14 -12.15
N CYS B 460 -26.08 -2.11 -12.90
CA CYS B 460 -26.85 -3.20 -12.30
C CYS B 460 -26.02 -4.16 -11.43
N VAL B 461 -24.70 -4.16 -11.64
CA VAL B 461 -23.73 -4.87 -10.79
C VAL B 461 -23.58 -4.14 -9.46
N LEU B 462 -23.28 -2.84 -9.54
CA LEU B 462 -23.21 -2.03 -8.34
C LEU B 462 -24.49 -2.18 -7.52
N HIS B 463 -25.64 -2.06 -8.19
CA HIS B 463 -26.93 -2.04 -7.52
C HIS B 463 -27.38 -3.40 -6.98
N GLU B 464 -27.03 -4.46 -7.69
CA GLU B 464 -27.12 -5.84 -7.17
C GLU B 464 -26.49 -5.91 -5.78
N LYS B 465 -25.31 -5.34 -5.66
CA LYS B 465 -24.49 -5.46 -4.46
C LYS B 465 -25.11 -4.68 -3.28
N THR B 466 -25.46 -3.41 -3.53
CA THR B 466 -25.92 -2.47 -2.52
C THR B 466 -27.26 -1.84 -2.96
N PRO B 467 -28.38 -2.59 -2.85
CA PRO B 467 -29.66 -2.12 -3.43
C PRO B 467 -30.29 -0.88 -2.77
N VAL B 468 -30.89 -0.02 -3.58
CA VAL B 468 -31.51 1.20 -3.11
C VAL B 468 -32.93 1.47 -3.62
N SER B 469 -33.30 0.93 -4.80
CA SER B 469 -34.62 1.18 -5.40
C SER B 469 -35.18 -0.09 -6.04
N ASP B 470 -36.43 -0.41 -5.69
CA ASP B 470 -37.21 -1.44 -6.35
C ASP B 470 -37.33 -1.26 -7.85
N ARG B 471 -37.41 0.00 -8.32
CA ARG B 471 -37.55 0.31 -9.75
C ARG B 471 -36.28 0.00 -10.53
N VAL B 472 -35.14 0.25 -9.91
CA VAL B 472 -33.86 -0.12 -10.50
C VAL B 472 -33.77 -1.66 -10.58
N THR B 473 -34.21 -2.36 -9.54
CA THR B 473 -34.14 -3.84 -9.52
C THR B 473 -35.05 -4.49 -10.57
N LYS B 474 -36.30 -4.02 -10.65
CA LYS B 474 -37.23 -4.29 -11.74
C LYS B 474 -36.47 -4.27 -13.06
N CYS B 475 -36.00 -3.10 -13.51
CA CYS B 475 -35.22 -2.98 -14.74
C CYS B 475 -33.96 -3.87 -14.86
N CYS B 476 -33.22 -4.07 -13.77
CA CYS B 476 -31.99 -4.88 -13.81
C CYS B 476 -32.21 -6.39 -13.87
N THR B 477 -33.39 -6.86 -13.47
CA THR B 477 -33.75 -8.28 -13.55
C THR B 477 -34.70 -8.61 -14.74
N GLU B 478 -35.27 -7.57 -15.36
CA GLU B 478 -35.98 -7.69 -16.64
C GLU B 478 -35.09 -8.33 -17.71
N SER B 479 -35.72 -8.91 -18.72
CA SER B 479 -35.01 -9.31 -19.93
C SER B 479 -34.05 -8.21 -20.41
N LEU B 480 -32.91 -8.62 -20.98
CA LEU B 480 -31.98 -7.68 -21.63
C LEU B 480 -32.59 -6.90 -22.81
N VAL B 481 -33.65 -7.42 -23.40
CA VAL B 481 -34.39 -6.70 -24.44
C VAL B 481 -35.20 -5.49 -23.89
N ASN B 482 -35.69 -5.62 -22.65
CA ASN B 482 -36.45 -4.56 -21.98
C ASN B 482 -35.58 -3.72 -21.04
N ARG B 483 -34.36 -4.17 -20.77
CA ARG B 483 -33.53 -3.51 -19.79
C ARG B 483 -33.50 -1.99 -19.98
N ARG B 484 -33.07 -1.56 -21.15
CA ARG B 484 -32.91 -0.13 -21.45
C ARG B 484 -34.24 0.62 -21.56
N PRO B 485 -35.25 0.05 -22.22
CA PRO B 485 -36.59 0.66 -22.17
C PRO B 485 -37.12 0.79 -20.76
N CYS B 486 -36.82 -0.19 -19.92
CA CYS B 486 -37.25 -0.11 -18.54
C CYS B 486 -36.68 1.17 -17.88
N PHE B 487 -35.36 1.30 -17.89
CA PHE B 487 -34.69 2.53 -17.45
C PHE B 487 -35.17 3.83 -18.15
N SER B 488 -35.52 3.75 -19.44
CA SER B 488 -36.04 4.93 -20.14
C SER B 488 -37.46 5.33 -19.68
N ALA B 489 -38.17 4.39 -19.07
CA ALA B 489 -39.54 4.63 -18.60
C ALA B 489 -39.58 5.23 -17.22
N LEU B 490 -38.45 5.18 -16.49
CA LEU B 490 -38.39 5.74 -15.14
C LEU B 490 -38.81 7.20 -15.20
N GLU B 491 -39.74 7.52 -14.31
CA GLU B 491 -40.26 8.86 -14.12
C GLU B 491 -39.56 9.47 -12.93
N VAL B 492 -39.86 10.72 -12.66
CA VAL B 492 -39.38 11.41 -11.47
C VAL B 492 -39.98 10.80 -10.19
N ASP B 493 -39.11 10.52 -9.21
CA ASP B 493 -39.53 9.85 -7.98
C ASP B 493 -40.34 10.81 -7.10
N GLU B 494 -41.65 10.58 -7.04
CA GLU B 494 -42.56 11.44 -6.30
C GLU B 494 -42.82 10.99 -4.85
N THR B 495 -42.16 9.95 -4.37
CA THR B 495 -42.28 9.54 -2.95
C THR B 495 -41.04 9.88 -2.09
N TYR B 496 -40.00 10.40 -2.72
CA TYR B 496 -38.70 10.66 -2.05
C TYR B 496 -38.77 11.92 -1.17
N VAL B 497 -38.27 11.78 0.06
CA VAL B 497 -38.17 12.88 1.01
C VAL B 497 -36.84 13.62 0.74
N PRO B 498 -36.91 14.97 0.57
CA PRO B 498 -35.69 15.74 0.39
C PRO B 498 -34.63 15.47 1.47
N LYS B 499 -33.38 15.41 1.06
CA LYS B 499 -32.27 15.27 1.98
C LYS B 499 -32.14 16.54 2.84
N GLU B 500 -31.86 16.35 4.14
CA GLU B 500 -31.60 17.47 5.08
C GLU B 500 -30.38 18.24 4.62
N PHE B 501 -30.42 19.56 4.80
CA PHE B 501 -29.28 20.41 4.47
C PHE B 501 -28.10 20.07 5.36
N ASN B 502 -26.91 20.15 4.78
CA ASN B 502 -25.67 19.97 5.53
C ASN B 502 -24.66 20.98 5.01
N ALA B 503 -24.06 21.73 5.93
CA ALA B 503 -23.29 22.92 5.57
C ALA B 503 -22.02 22.56 4.81
N GLU B 504 -21.24 21.61 5.34
CA GLU B 504 -19.99 21.19 4.69
C GLU B 504 -20.20 20.57 3.28
N THR B 505 -21.39 20.05 3.00
CA THR B 505 -21.73 19.59 1.64
C THR B 505 -21.65 20.74 0.63
N PHE B 506 -21.95 21.95 1.06
CA PHE B 506 -21.94 23.12 0.18
C PHE B 506 -20.90 24.19 0.57
N THR B 507 -19.84 23.78 1.25
CA THR B 507 -18.68 24.65 1.49
C THR B 507 -17.60 24.33 0.45
N PHE B 508 -17.14 25.35 -0.26
CA PHE B 508 -16.05 25.21 -1.25
C PHE B 508 -14.84 26.04 -0.84
N HIS B 509 -13.65 25.46 -0.97
CA HIS B 509 -12.37 26.11 -0.67
C HIS B 509 -11.56 26.34 -1.94
N ALA B 510 -10.52 27.16 -1.82
CA ALA B 510 -9.71 27.62 -2.98
C ALA B 510 -8.96 26.55 -3.74
N ASP B 511 -8.71 25.41 -3.09
CA ASP B 511 -8.12 24.22 -3.73
C ASP B 511 -8.80 23.81 -5.04
N ILE B 512 -10.09 24.11 -5.14
CA ILE B 512 -10.87 23.90 -6.36
C ILE B 512 -10.28 24.56 -7.62
N CYS B 513 -9.71 25.75 -7.49
CA CYS B 513 -9.07 26.47 -8.62
C CYS B 513 -7.83 25.75 -9.12
N THR B 514 -7.19 25.00 -8.22
CA THR B 514 -5.90 24.35 -8.46
C THR B 514 -5.99 22.90 -8.93
N LEU B 515 -7.19 22.32 -8.90
CA LEU B 515 -7.43 20.97 -9.39
C LEU B 515 -7.47 20.97 -10.93
N SER B 516 -7.13 19.82 -11.53
CA SER B 516 -7.21 19.61 -13.00
C SER B 516 -8.68 19.57 -13.46
N GLU B 517 -8.89 19.55 -14.77
CA GLU B 517 -10.23 19.77 -15.32
C GLU B 517 -11.21 18.70 -14.82
N LYS B 518 -10.89 17.43 -15.08
CA LYS B 518 -11.68 16.29 -14.62
C LYS B 518 -12.04 16.39 -13.13
N GLU B 519 -11.01 16.50 -12.29
CA GLU B 519 -11.15 16.54 -10.82
C GLU B 519 -12.14 17.59 -10.35
N ARG B 520 -12.00 18.80 -10.88
CA ARG B 520 -12.84 19.97 -10.54
C ARG B 520 -14.27 19.79 -11.06
N GLN B 521 -14.37 19.31 -12.30
CA GLN B 521 -15.65 18.95 -12.90
C GLN B 521 -16.42 17.89 -12.09
N ILE B 522 -15.71 16.87 -11.64
CA ILE B 522 -16.24 15.85 -10.72
C ILE B 522 -16.76 16.42 -9.39
N LYS B 523 -16.04 17.43 -8.88
CA LYS B 523 -16.33 18.02 -7.57
C LYS B 523 -17.55 18.95 -7.68
N LYS B 524 -17.62 19.71 -8.77
CA LYS B 524 -18.83 20.47 -9.15
C LYS B 524 -20.05 19.55 -9.35
N GLN B 525 -19.83 18.47 -10.08
CA GLN B 525 -20.87 17.48 -10.33
C GLN B 525 -21.35 16.82 -9.02
N THR B 526 -20.44 16.53 -8.08
CA THR B 526 -20.80 15.98 -6.76
C THR B 526 -21.77 16.93 -6.04
N ALA B 527 -21.47 18.21 -6.10
CA ALA B 527 -22.31 19.22 -5.47
C ALA B 527 -23.64 19.45 -6.20
N LEU B 528 -23.68 19.25 -7.52
CA LEU B 528 -24.93 19.37 -8.30
C LEU B 528 -25.96 18.29 -7.91
N VAL B 529 -25.48 17.07 -7.71
CA VAL B 529 -26.30 15.95 -7.25
C VAL B 529 -26.85 16.27 -5.85
N GLU B 530 -25.97 16.68 -4.95
CA GLU B 530 -26.36 16.96 -3.57
C GLU B 530 -27.40 18.07 -3.51
N LEU B 531 -27.17 19.13 -4.28
CA LEU B 531 -28.12 20.24 -4.40
C LEU B 531 -29.49 19.70 -4.77
N VAL B 532 -29.50 18.88 -5.83
CA VAL B 532 -30.72 18.32 -6.39
C VAL B 532 -31.38 17.33 -5.40
N LYS B 533 -30.57 16.58 -4.64
CA LYS B 533 -31.11 15.72 -3.57
C LYS B 533 -31.85 16.54 -2.52
N HIS B 534 -31.28 17.69 -2.15
CA HIS B 534 -31.87 18.62 -1.15
C HIS B 534 -33.12 19.37 -1.62
N LYS B 535 -33.10 19.81 -2.88
CA LYS B 535 -34.24 20.52 -3.49
C LYS B 535 -34.71 19.81 -4.78
N PRO B 536 -35.23 18.57 -4.63
CA PRO B 536 -35.69 17.82 -5.81
C PRO B 536 -36.79 18.51 -6.59
N LYS B 537 -37.53 19.43 -5.96
CA LYS B 537 -38.58 20.21 -6.65
C LYS B 537 -38.05 21.31 -7.57
N ALA B 538 -36.74 21.58 -7.53
CA ALA B 538 -36.20 22.77 -8.20
C ALA B 538 -36.50 22.76 -9.69
N THR B 539 -36.99 23.87 -10.23
CA THR B 539 -37.21 23.97 -11.68
C THR B 539 -35.84 24.06 -12.35
N LYS B 540 -35.83 23.98 -13.67
CA LYS B 540 -34.57 24.00 -14.40
C LYS B 540 -34.06 25.43 -14.55
N GLU B 541 -34.96 26.40 -14.43
CA GLU B 541 -34.59 27.84 -14.45
C GLU B 541 -33.96 28.22 -13.11
N GLN B 542 -34.60 27.76 -12.02
CA GLN B 542 -34.07 27.89 -10.67
C GLN B 542 -32.69 27.23 -10.57
N LEU B 543 -32.57 26.01 -11.07
CA LEU B 543 -31.31 25.28 -10.99
C LEU B 543 -30.23 25.95 -11.84
N LYS B 544 -30.59 26.39 -13.05
CA LYS B 544 -29.68 27.18 -13.89
C LYS B 544 -29.20 28.43 -13.14
N ALA B 545 -30.11 29.15 -12.47
CA ALA B 545 -29.71 30.36 -11.73
C ALA B 545 -28.65 30.03 -10.65
N VAL B 546 -28.95 29.07 -9.77
CA VAL B 546 -28.03 28.64 -8.69
C VAL B 546 -26.67 28.19 -9.25
N MET B 547 -26.68 27.38 -10.30
CA MET B 547 -25.45 27.03 -11.03
C MET B 547 -24.73 28.26 -11.59
N ASP B 548 -25.47 29.22 -12.15
CA ASP B 548 -24.87 30.47 -12.69
C ASP B 548 -24.28 31.37 -11.60
N ASP B 549 -24.98 31.42 -10.46
CA ASP B 549 -24.47 32.08 -9.27
C ASP B 549 -23.21 31.35 -8.76
N PHE B 550 -23.17 30.03 -8.90
CA PHE B 550 -21.97 29.25 -8.54
C PHE B 550 -20.81 29.46 -9.51
N ALA B 551 -21.09 29.48 -10.82
CA ALA B 551 -20.06 29.70 -11.85
C ALA B 551 -19.38 31.05 -11.67
N ALA B 552 -20.20 32.10 -11.56
CA ALA B 552 -19.71 33.46 -11.28
C ALA B 552 -18.98 33.60 -9.93
N PHE B 553 -19.38 32.81 -8.94
CA PHE B 553 -18.72 32.72 -7.61
C PHE B 553 -17.30 32.13 -7.69
N VAL B 554 -17.14 30.98 -8.36
CA VAL B 554 -15.80 30.37 -8.49
C VAL B 554 -14.85 31.24 -9.31
N GLU B 555 -15.36 31.99 -10.28
CA GLU B 555 -14.53 32.84 -11.13
C GLU B 555 -13.98 34.06 -10.36
N LYS B 556 -14.79 34.64 -9.48
CA LYS B 556 -14.35 35.71 -8.59
C LYS B 556 -13.25 35.23 -7.64
N CYS B 557 -13.56 34.21 -6.84
CA CYS B 557 -12.61 33.72 -5.84
C CYS B 557 -11.36 33.02 -6.40
N CYS B 558 -11.27 32.78 -7.72
CA CYS B 558 -10.05 32.23 -8.36
C CYS B 558 -9.23 33.26 -9.16
N LYS B 559 -9.76 34.48 -9.36
CA LYS B 559 -8.98 35.59 -9.95
C LYS B 559 -9.57 36.97 -9.63
N ALA B 560 -9.22 37.50 -8.46
CA ALA B 560 -9.50 38.90 -8.09
C ALA B 560 -8.65 39.38 -6.91
N ASP B 561 -7.35 39.09 -6.97
CA ASP B 561 -6.32 39.50 -5.98
C ASP B 561 -6.15 38.46 -4.84
N ASP B 562 -5.95 38.88 -3.58
CA ASP B 562 -5.84 37.94 -2.45
C ASP B 562 -7.14 37.13 -2.23
N LYS B 563 -7.20 35.96 -2.86
CA LYS B 563 -8.39 35.10 -2.78
C LYS B 563 -8.18 33.74 -2.11
N GLU B 564 -8.54 33.68 -0.84
CA GLU B 564 -9.07 32.47 -0.21
C GLU B 564 -10.37 32.77 0.53
N THR B 565 -10.38 33.87 1.29
CA THR B 565 -11.55 34.26 2.10
C THR B 565 -12.82 34.60 1.30
N CYS B 566 -12.71 34.86 0.00
CA CYS B 566 -13.86 34.92 -0.90
C CYS B 566 -14.66 33.62 -0.84
N PHE B 567 -13.96 32.49 -1.04
CA PHE B 567 -14.54 31.14 -0.89
C PHE B 567 -15.28 30.95 0.44
N ALA B 568 -14.69 31.45 1.51
CA ALA B 568 -15.37 31.52 2.79
C ALA B 568 -16.58 32.47 2.69
N GLU B 569 -16.33 33.77 2.45
CA GLU B 569 -17.37 34.81 2.57
C GLU B 569 -18.44 34.86 1.44
N GLU B 570 -18.01 35.02 0.19
CA GLU B 570 -18.96 34.95 -0.93
C GLU B 570 -19.74 33.62 -0.92
N GLY B 571 -19.07 32.55 -0.49
CA GLY B 571 -19.69 31.24 -0.29
C GLY B 571 -20.81 31.19 0.74
N LYS B 572 -20.70 32.00 1.80
CA LYS B 572 -21.75 32.13 2.81
C LYS B 572 -23.04 32.71 2.22
N LYS B 573 -22.89 33.69 1.34
CA LYS B 573 -24.04 34.38 0.74
C LYS B 573 -24.73 33.55 -0.32
N LEU B 574 -23.95 32.76 -1.06
CA LEU B 574 -24.45 31.83 -2.08
C LEU B 574 -25.39 30.79 -1.47
N VAL B 575 -24.91 30.13 -0.41
CA VAL B 575 -25.66 29.14 0.36
C VAL B 575 -27.01 29.66 0.86
N ALA B 576 -27.03 30.86 1.42
CA ALA B 576 -28.28 31.48 1.89
C ALA B 576 -29.17 31.88 0.70
N ALA B 577 -28.56 32.55 -0.28
CA ALA B 577 -29.23 33.00 -1.51
C ALA B 577 -29.88 31.84 -2.26
N SER B 578 -29.09 30.79 -2.49
CA SER B 578 -29.58 29.52 -3.01
C SER B 578 -30.79 28.96 -2.22
N GLN B 579 -30.61 28.75 -0.91
CA GLN B 579 -31.67 28.24 -0.02
C GLN B 579 -33.02 28.99 -0.10
N ALA B 580 -32.98 30.30 -0.34
CA ALA B 580 -34.21 31.11 -0.44
C ALA B 580 -34.90 30.94 -1.79
N ALA B 581 -34.11 31.00 -2.87
CA ALA B 581 -34.62 30.86 -4.25
C ALA B 581 -35.34 29.54 -4.48
N LEU B 582 -34.82 28.49 -3.85
CA LEU B 582 -35.35 27.13 -4.02
C LEU B 582 -36.48 26.79 -3.04
N GLY B 583 -36.38 27.25 -1.79
CA GLY B 583 -37.35 26.90 -0.74
C GLY B 583 -38.23 28.06 -0.29
C1 PAM C . 13.30 21.94 20.71
O1 PAM C . 13.11 20.70 20.83
O2 PAM C . 14.49 22.33 20.75
C2 PAM C . 12.28 22.91 20.16
C3 PAM C . 10.90 22.46 19.73
C4 PAM C . 9.74 23.30 20.23
C5 PAM C . 8.34 23.01 19.82
C6 PAM C . 7.49 22.10 20.69
C7 PAM C . 6.02 21.98 20.45
C8 PAM C . 5.18 23.24 20.33
C9 PAM C . 3.65 23.14 20.27
C10 PAM C . 2.99 22.13 21.20
C11 PAM C . 1.50 22.16 21.55
C12 PAM C . 0.59 23.22 20.98
C13 PAM C . -0.89 23.09 21.27
C14 PAM C . -1.57 24.00 22.22
C15 PAM C . -3.05 23.93 22.26
C16 PAM C . -3.81 25.20 22.46
C1 PAM D . 28.63 6.36 38.62
O1 PAM D . 27.41 6.33 39.01
O2 PAM D . 29.26 5.29 38.44
C2 PAM D . 29.39 7.66 38.62
C3 PAM D . 30.02 8.14 37.34
C4 PAM D . 31.44 8.68 37.36
C5 PAM D . 31.92 9.60 38.45
C6 PAM D . 33.34 10.12 38.36
C7 PAM D . 33.76 11.15 39.36
C8 PAM D . 33.10 12.52 39.29
C9 PAM D . 33.35 13.39 38.05
C10 PAM D . 33.29 14.89 38.21
C11 PAM D . 31.96 15.58 38.50
C12 PAM D . 31.45 16.64 37.54
C13 PAM D . 31.89 18.06 37.71
C14 PAM D . 31.02 19.12 37.09
C15 PAM D . 31.61 20.36 36.52
C16 PAM D . 32.32 21.24 37.50
C1 PAM E . 34.28 -12.17 24.77
O1 PAM E . 33.62 -13.25 24.69
O2 PAM E . 34.77 -11.63 23.72
C2 PAM E . 34.58 -11.68 26.15
C3 PAM E . 33.54 -10.87 26.88
C4 PAM E . 32.87 -9.72 26.16
C5 PAM E . 31.58 -9.91 25.43
C6 PAM E . 30.35 -9.10 25.79
C7 PAM E . 29.95 -7.89 24.98
C8 PAM E . 28.58 -7.24 25.14
C9 PAM E . 27.50 -7.84 26.04
C10 PAM E . 26.51 -8.86 25.50
C11 PAM E . 25.79 -9.77 26.49
C12 PAM E . 24.57 -10.56 26.10
C13 PAM E . 24.07 -11.58 27.06
C14 PAM E . 22.87 -12.41 26.71
C15 PAM E . 22.14 -13.10 27.79
C16 PAM E . 20.98 -12.41 28.42
C1 PAM F . 27.96 0.68 28.46
O1 PAM F . 28.53 0.59 29.62
O2 PAM F . 26.68 0.71 28.36
C2 PAM F . 28.76 0.42 27.19
C3 PAM F . 30.09 1.08 26.84
C4 PAM F . 31.45 0.57 27.30
C5 PAM F . 32.63 0.71 26.41
C6 PAM F . 32.51 0.13 25.00
C7 PAM F . 33.52 -0.89 24.54
C8 PAM F . 33.08 -1.94 23.54
C9 PAM F . 32.53 -3.23 24.12
C10 PAM F . 32.95 -4.58 23.60
C11 PAM F . 33.14 -4.76 22.10
C12 PAM F . 32.16 -4.14 21.13
C13 PAM F . 31.20 -5.03 20.38
C14 PAM F . 31.00 -4.82 18.92
C15 PAM F . 30.30 -5.88 18.15
C16 PAM F . 29.44 -6.86 18.89
C1 PAM G . 24.06 -22.20 8.15
O1 PAM G . 23.67 -21.84 7.00
O2 PAM G . 25.25 -22.03 8.50
C2 PAM G . 23.03 -22.54 9.17
C3 PAM G . 23.35 -23.27 10.44
C4 PAM G . 22.19 -23.63 11.32
C5 PAM G . 22.40 -24.68 12.36
C6 PAM G . 21.22 -25.40 12.99
C7 PAM G . 21.53 -26.52 13.95
C8 PAM G . 20.60 -27.71 14.07
C9 PAM G . 21.22 -29.11 14.20
C10 PAM G . 20.30 -30.29 13.97
C11 PAM G . 20.52 -31.58 14.74
C12 PAM G . 19.76 -31.77 16.02
C13 PAM G . 20.16 -32.86 16.96
C14 PAM G . 19.94 -32.69 18.41
C1 PAM H . 7.11 -0.94 11.39
O1 PAM H . 6.97 -2.11 11.82
O2 PAM H . 7.97 -0.69 10.50
C2 PAM H . 6.39 0.21 12.02
C3 PAM H . 5.58 1.11 11.14
C4 PAM H . 4.29 0.59 10.57
C5 PAM H . 3.82 1.18 9.29
C6 PAM H . 2.35 1.21 9.01
C7 PAM H . 1.55 2.37 9.53
C8 PAM H . 0.06 2.34 9.29
C9 PAM H . -0.60 3.62 8.82
C10 PAM H . -2.01 3.53 8.28
C11 PAM H . -2.42 4.55 7.22
O1 J2O I . 7.36 3.53 18.36
N2 J2O I . 5.63 1.58 16.96
C3 J2O I . 8.86 4.33 14.64
C4 J2O I . 8.77 4.73 16.99
C9 J2O I . 9.43 4.66 13.30
C10 J2O I . 7.79 3.73 17.12
C11 J2O I . 6.36 2.00 15.96
C12 J2O I . 7.91 3.36 14.74
C13 J2O I . 4.08 0.25 17.85
S3 J2O I . 4.89 0.21 19.38
N6 J2O I . 4.46 0.89 16.78
N7 J2O I . 2.95 -0.48 17.84
C17 J2O I . 9.29 5.02 15.78
C25 J2O I . 7.38 2.98 15.99
AU1 J2O I . 6.26 1.90 18.82
C1 PAM J . -20.76 25.29 -14.46
O1 PAM J . -21.77 25.94 -14.83
O2 PAM J . -19.70 25.35 -15.14
C2 PAM J . -20.79 24.50 -13.19
C3 PAM J . -22.11 24.14 -12.55
C4 PAM J . -22.16 22.98 -11.57
C5 PAM J . -22.09 23.28 -10.12
C6 PAM J . -23.35 23.17 -9.27
C7 PAM J . -23.23 23.29 -7.78
C8 PAM J . -23.95 24.43 -7.10
C9 PAM J . -23.70 24.76 -5.63
C10 PAM J . -24.26 26.07 -5.09
C11 PAM J . -24.63 26.18 -3.61
C12 PAM J . -25.80 25.40 -3.11
C13 PAM J . -26.24 25.54 -1.69
C14 PAM J . -27.62 25.13 -1.33
C1 PAM K . -4.63 2.73 -16.19
O1 PAM K . -5.63 2.22 -15.61
O2 PAM K . -4.67 3.12 -17.38
C2 PAM K . -3.39 2.89 -15.39
C3 PAM K . -2.36 1.80 -15.45
C4 PAM K . -1.11 2.07 -16.25
C5 PAM K . 0.22 1.96 -15.57
C6 PAM K . 1.32 1.34 -16.39
C7 PAM K . 1.33 -0.15 -16.46
C8 PAM K . 1.72 -0.87 -15.19
C9 PAM K . 3.19 -0.78 -14.78
C10 PAM K . 3.79 -1.89 -13.97
C11 PAM K . 5.31 -1.92 -13.87
C1 PAM L . -5.20 -19.22 -28.36
O1 PAM L . -5.71 -19.38 -29.50
O2 PAM L . -5.69 -18.32 -27.64
C2 PAM L . -4.40 -20.29 -27.70
C3 PAM L . -4.02 -20.12 -26.24
C4 PAM L . -3.33 -21.27 -25.56
C5 PAM L . -2.16 -21.05 -24.66
C6 PAM L . -1.00 -22.03 -24.73
C7 PAM L . -0.04 -22.11 -23.56
C8 PAM L . -0.55 -22.59 -22.22
C9 PAM L . 0.44 -22.85 -21.10
C10 PAM L . 1.31 -24.10 -21.14
C11 PAM L . 1.39 -25.00 -19.91
C12 PAM L . 2.38 -26.14 -19.91
C13 PAM L . 3.18 -26.43 -18.66
C14 PAM L . 4.31 -27.41 -18.73
C15 PAM L . 5.59 -27.19 -17.99
C16 PAM L . 6.44 -28.36 -17.61
C1 PAM M . -35.72 -12.82 -25.98
O1 PAM M . -36.41 -13.62 -25.31
O2 PAM M . -34.61 -12.42 -25.54
C2 PAM M . -36.19 -12.42 -27.32
C3 PAM M . -37.05 -13.39 -28.07
C4 PAM M . -37.38 -13.08 -29.50
C5 PAM M . -38.14 -14.07 -30.30
C6 PAM M . -37.54 -15.44 -30.53
C7 PAM M . -36.75 -15.70 -31.78
C8 PAM M . -36.42 -17.16 -32.03
C9 PAM M . -35.36 -17.53 -33.07
C10 PAM M . -34.47 -18.73 -32.80
C11 PAM M . -33.81 -19.39 -34.02
C12 PAM M . -33.08 -20.71 -33.91
C13 PAM M . -33.18 -21.73 -35.00
C14 PAM M . -31.99 -22.03 -35.86
C15 PAM M . -31.93 -23.35 -36.58
C16 PAM M . -32.42 -23.43 -37.99
C1 PAM N . -35.78 10.16 -20.45
O1 PAM N . -36.32 11.28 -20.22
O2 PAM N . -36.53 9.26 -20.91
C2 PAM N . -34.46 9.85 -19.80
C3 PAM N . -33.44 8.96 -20.45
C4 PAM N . -33.98 7.89 -21.35
C5 PAM N . -33.20 6.67 -21.65
C6 PAM N . -31.71 6.70 -21.64
C7 PAM N . -30.93 6.31 -20.43
C8 PAM N . -31.27 5.15 -19.54
C9 PAM N . -31.10 5.40 -18.03
C10 PAM N . -29.78 5.00 -17.40
C11 PAM N . -29.22 5.82 -16.25
C12 PAM N . -29.72 5.52 -14.88
C13 PAM N . -29.04 6.19 -13.75
C14 PAM N . -29.55 5.91 -12.38
C15 PAM N . -28.83 4.90 -11.56
C16 PAM N . -29.62 3.77 -10.99
C1 PAM O . -28.99 -2.57 -24.17
O1 PAM O . -28.73 -3.81 -24.16
O2 PAM O . -28.43 -1.88 -23.28
C2 PAM O . -30.28 -2.11 -24.80
C3 PAM O . -30.48 -0.86 -25.66
C4 PAM O . -31.83 -0.71 -26.37
C5 PAM O . -32.04 -0.15 -27.76
C6 PAM O . -31.02 0.80 -28.32
C7 PAM O . -30.64 2.04 -27.55
C8 PAM O . -31.57 3.24 -27.52
C9 PAM O . -31.02 4.46 -26.80
C10 PAM O . -31.86 5.71 -26.70
C11 PAM O . -31.40 6.87 -25.81
C12 PAM O . -29.95 6.98 -25.38
C13 PAM O . -29.52 8.01 -24.38
C14 PAM O . -28.05 8.22 -24.15
C15 PAM O . -27.30 9.22 -24.97
C16 PAM O . -26.56 8.80 -26.21
O1 J2O P . -8.97 -4.64 -15.99
N2 J2O P . -7.24 -2.54 -14.80
C3 J2O P . -7.33 -3.42 -19.58
C4 J2O P . -8.70 -4.90 -18.26
C9 J2O P . -6.79 -3.06 -20.95
C10 J2O P . -8.41 -4.18 -17.10
C11 J2O P . -7.19 -2.24 -16.08
C12 J2O P . -7.04 -2.69 -18.45
C13 J2O P . -7.01 -1.97 -12.65
S3 J2O P . -7.35 -3.61 -12.17
N6 J2O P . -6.98 -1.55 -13.88
N7 J2O P . -6.78 -1.11 -11.63
C17 J2O P . -8.17 -4.53 -19.46
C25 J2O P . -7.62 -3.01 -17.20
AU1 J2O P . -8.26 -4.14 -14.15
#